data_4BBH
#
_entry.id   4BBH
#
_cell.length_a   57.470
_cell.length_b   121.870
_cell.length_c   178.340
_cell.angle_alpha   90.00
_cell.angle_beta   90.00
_cell.angle_gamma   90.00
#
_symmetry.space_group_name_H-M   'P 21 21 21'
#
loop_
_entity.id
_entity.type
_entity.pdbx_description
1 polymer 'GLYCYLPEPTIDE N-TETRADECANOYLTRANSFERASE'
2 non-polymer 'DIMETHYL SULFOXIDE'
3 non-polymer 2-oxopentadecyl-CoA
4 non-polymer '3-methoxybenzyl 3-(piperidin-4-yloxy)-1-benzothiophene-2-carboxylate'
5 non-polymer 'SULFATE ION'
6 non-polymer 'CHLORIDE ION'
7 non-polymer 'MAGNESIUM ION'
8 water water
#
_entity_poly.entity_id   1
_entity_poly.type   'polypeptide(L)'
_entity_poly.pdbx_seq_one_letter_code
;DYKFWYTQPVPKINDEFNESVNEPFISDNKVEDVRKDEYKLPPGYSWYVCDVKDEKDRSEIYTLLTDNYVEDDDNIFRFN
YSAEFLLWALTSPNYLKTWHIGVKYDASNKLIGFISAIPTDICIHKRTIKMAEVNFLCVHKTLRSKRLAPVLIKEITRRI
NLENIWQAIYTAGVYLPKPVSDARYYHRSINVKKLIEIGFSSLNSRLTMSRAIKLYRVEDTLNIKNMRLMKKKDVEGVHK
LLGSYLEQFNLYAVFTKEEIAHWFLPIENVIYTYVNEENGKIKDMISFYSLPSQILGNDKYSTLNAAYSFYNVTTTATFK
QLMQDAILLAKRNNFDVFNALEVMQNKSVFEDLKFGEGDGSLKYYLYNWKCASFAPAHVGIVLL
;
_entity_poly.pdbx_strand_id   A,B,C
#
loop_
_chem_comp.id
_chem_comp.type
_chem_comp.name
_chem_comp.formula
CL non-polymer 'CHLORIDE ION' 'Cl -1'
DMS non-polymer 'DIMETHYL SULFOXIDE' 'C2 H6 O S'
MG non-polymer 'MAGNESIUM ION' 'Mg 2'
NHW non-polymer 2-oxopentadecyl-CoA 'C36 H64 N7 O17 P3 S'
SO4 non-polymer 'SULFATE ION' 'O4 S -2'
YBN non-polymer '3-methoxybenzyl 3-(piperidin-4-yloxy)-1-benzothiophene-2-carboxylate' 'C22 H23 N O4 S'
#
# COMPACT_ATOMS: atom_id res chain seq x y z
N ASP A 1 10.37 -41.54 -1.17
CA ASP A 1 11.56 -41.23 -0.32
C ASP A 1 12.42 -40.30 -1.13
N TYR A 2 13.20 -39.48 -0.43
CA TYR A 2 14.13 -38.51 -1.01
C TYR A 2 15.41 -38.68 -0.22
N LYS A 3 16.20 -39.65 -0.62
CA LYS A 3 17.29 -40.21 0.14
C LYS A 3 18.43 -39.24 0.15
N PHE A 4 18.57 -38.47 -0.95
CA PHE A 4 19.54 -37.42 -0.95
C PHE A 4 19.01 -36.15 -0.33
N TRP A 5 17.85 -35.68 -0.79
CA TRP A 5 17.28 -34.45 -0.27
C TRP A 5 17.12 -34.44 1.23
N TYR A 6 16.74 -35.59 1.79
CA TYR A 6 16.61 -35.73 3.23
C TYR A 6 17.91 -35.60 4.03
N THR A 7 19.06 -35.67 3.40
CA THR A 7 20.26 -35.44 4.18
C THR A 7 20.63 -33.96 4.29
N GLN A 8 19.87 -33.12 3.57
CA GLN A 8 20.13 -31.68 3.23
C GLN A 8 19.29 -30.78 4.19
N PRO A 9 19.80 -29.57 4.56
CA PRO A 9 19.03 -28.55 5.34
C PRO A 9 17.88 -27.92 4.52
N VAL A 10 16.89 -28.76 4.19
CA VAL A 10 15.59 -28.33 3.60
C VAL A 10 14.46 -28.98 4.42
N PRO A 11 13.21 -28.51 4.25
CA PRO A 11 12.08 -29.05 5.00
C PRO A 11 11.80 -30.47 4.63
N LYS A 12 11.33 -31.27 5.59
CA LYS A 12 10.77 -32.56 5.28
C LYS A 12 9.43 -32.39 4.58
N ILE A 13 8.96 -33.46 3.92
CA ILE A 13 7.70 -33.38 3.16
C ILE A 13 6.50 -32.94 4.00
N ASN A 14 6.53 -33.16 5.31
CA ASN A 14 5.43 -32.78 6.16
C ASN A 14 5.60 -31.49 6.93
N ASP A 15 6.83 -30.94 6.96
CA ASP A 15 7.10 -29.70 7.70
C ASP A 15 6.19 -28.55 7.26
N GLU A 16 5.56 -27.85 8.21
CA GLU A 16 4.80 -26.65 7.88
C GLU A 16 5.12 -25.61 8.97
N PHE A 17 5.55 -24.40 8.59
CA PHE A 17 5.99 -23.42 9.58
C PHE A 17 5.04 -22.25 9.71
N ASN A 18 4.88 -21.73 10.95
CA ASN A 18 4.20 -20.42 11.18
C ASN A 18 4.81 -19.27 10.40
N GLU A 19 3.99 -18.24 10.17
CA GLU A 19 4.50 -17.02 9.51
C GLU A 19 5.54 -16.31 10.31
N SER A 20 5.63 -16.64 11.59
CA SER A 20 6.59 -15.98 12.41
C SER A 20 8.02 -16.61 12.33
N VAL A 21 8.09 -17.90 12.01
CA VAL A 21 9.35 -18.60 11.74
C VAL A 21 9.94 -18.12 10.42
N ASN A 22 11.19 -17.66 10.44
CA ASN A 22 11.84 -17.14 9.24
C ASN A 22 13.35 -17.12 9.47
N GLU A 23 14.02 -18.25 9.23
CA GLU A 23 15.38 -18.46 9.67
C GLU A 23 16.05 -19.68 9.01
N PRO A 24 17.37 -19.75 9.12
CA PRO A 24 18.06 -20.93 8.57
C PRO A 24 17.70 -22.20 9.33
N PHE A 25 17.81 -23.36 8.66
CA PHE A 25 17.81 -24.64 9.35
C PHE A 25 19.08 -24.82 10.16
N ILE A 26 20.20 -24.29 9.69
CA ILE A 26 21.55 -24.46 10.32
C ILE A 26 22.23 -23.10 10.32
N SER A 27 22.32 -22.51 11.51
CA SER A 27 22.87 -21.16 11.65
C SER A 27 24.28 -21.28 12.05
N ASP A 28 24.94 -20.13 12.18
CA ASP A 28 26.29 -20.06 12.80
C ASP A 28 27.24 -21.06 12.07
N ASN A 29 27.24 -21.01 10.74
CA ASN A 29 28.15 -21.80 9.94
C ASN A 29 29.49 -21.10 9.89
N LYS A 30 30.55 -21.83 9.61
CA LYS A 30 31.93 -21.21 9.65
C LYS A 30 32.66 -21.55 8.33
N VAL A 31 33.07 -20.50 7.60
CA VAL A 31 33.79 -20.73 6.40
C VAL A 31 35.01 -21.59 6.60
N GLU A 32 35.69 -21.38 7.72
CA GLU A 32 36.93 -22.09 8.04
C GLU A 32 36.77 -23.65 8.09
N ASP A 33 35.52 -24.16 8.25
CA ASP A 33 35.27 -25.62 8.43
C ASP A 33 34.81 -26.26 7.11
N VAL A 34 34.57 -25.45 6.09
CA VAL A 34 34.09 -25.95 4.76
C VAL A 34 35.19 -26.81 4.18
N ARG A 35 34.81 -27.96 3.60
CA ARG A 35 35.75 -28.86 2.98
C ARG A 35 36.50 -28.15 1.84
N LYS A 36 37.81 -28.36 1.73
CA LYS A 36 38.62 -27.79 0.68
C LYS A 36 38.78 -28.72 -0.52
N ASP A 37 38.41 -29.99 -0.34
CA ASP A 37 38.62 -30.96 -1.42
C ASP A 37 37.37 -31.02 -2.35
N GLU A 38 37.55 -31.18 -3.67
CA GLU A 38 36.35 -31.29 -4.53
C GLU A 38 35.68 -32.65 -4.28
N TYR A 39 34.36 -32.74 -4.50
CA TYR A 39 33.72 -34.00 -4.34
C TYR A 39 34.21 -34.98 -5.42
N LYS A 40 34.16 -36.25 -5.07
CA LYS A 40 34.71 -37.31 -5.85
C LYS A 40 33.64 -37.66 -6.91
N LEU A 41 34.09 -37.68 -8.14
CA LEU A 41 33.24 -38.07 -9.28
C LEU A 41 33.51 -39.54 -9.65
N PRO A 42 32.61 -40.19 -10.39
CA PRO A 42 32.93 -41.56 -10.82
C PRO A 42 34.24 -41.68 -11.64
N PRO A 43 34.89 -42.89 -11.64
CA PRO A 43 36.15 -43.03 -12.44
C PRO A 43 35.96 -42.57 -13.92
N GLY A 44 36.91 -41.80 -14.45
CA GLY A 44 36.94 -41.33 -15.81
C GLY A 44 36.23 -40.03 -16.14
N TYR A 45 35.78 -39.35 -15.07
CA TYR A 45 35.09 -38.04 -15.14
C TYR A 45 35.82 -37.00 -14.28
N SER A 46 35.89 -35.77 -14.74
CA SER A 46 36.66 -34.73 -14.05
C SER A 46 35.88 -33.42 -13.95
N TRP A 47 36.13 -32.68 -12.87
CA TRP A 47 35.65 -31.29 -12.78
C TRP A 47 36.26 -30.43 -13.88
N TYR A 48 35.54 -29.44 -14.37
CA TYR A 48 36.10 -28.58 -15.37
C TYR A 48 35.60 -27.21 -15.04
N VAL A 49 36.49 -26.20 -15.00
CA VAL A 49 35.98 -24.84 -14.71
C VAL A 49 35.61 -24.16 -16.05
N CYS A 50 34.32 -23.91 -16.26
CA CYS A 50 33.89 -23.28 -17.55
C CYS A 50 34.14 -21.75 -17.52
N ASP A 51 34.73 -21.24 -18.60
CA ASP A 51 34.80 -19.79 -18.79
C ASP A 51 33.64 -19.32 -19.71
N VAL A 52 32.52 -18.96 -19.09
CA VAL A 52 31.34 -18.48 -19.85
C VAL A 52 31.69 -17.28 -20.79
N LYS A 53 32.70 -16.52 -20.41
CA LYS A 53 33.20 -15.47 -21.30
C LYS A 53 34.04 -15.94 -22.50
N ASP A 54 34.34 -17.21 -22.58
CA ASP A 54 35.12 -17.68 -23.71
C ASP A 54 34.09 -18.28 -24.69
N GLU A 55 34.09 -17.85 -25.94
CA GLU A 55 33.10 -18.37 -26.90
C GLU A 55 33.06 -19.88 -26.95
N LYS A 56 34.24 -20.51 -26.99
CA LYS A 56 34.27 -21.95 -27.11
C LYS A 56 33.75 -22.74 -25.90
N ASP A 57 34.15 -22.33 -24.68
CA ASP A 57 33.61 -22.98 -23.44
C ASP A 57 32.10 -22.78 -23.44
N ARG A 58 31.70 -21.57 -23.70
CA ARG A 58 30.29 -21.18 -23.69
C ARG A 58 29.51 -22.00 -24.71
N SER A 59 30.10 -22.27 -25.87
CA SER A 59 29.40 -23.14 -26.82
CA SER A 59 29.45 -23.17 -26.84
C SER A 59 29.34 -24.60 -26.36
N GLU A 60 30.27 -25.03 -25.53
CA GLU A 60 30.18 -26.40 -25.10
C GLU A 60 29.00 -26.50 -24.15
N ILE A 61 28.80 -25.47 -23.32
CA ILE A 61 27.70 -25.47 -22.33
C ILE A 61 26.40 -25.45 -23.16
N TYR A 62 26.37 -24.58 -24.20
CA TYR A 62 25.21 -24.47 -25.08
C TYR A 62 24.85 -25.85 -25.69
N THR A 63 25.87 -26.59 -26.13
CA THR A 63 25.53 -27.82 -26.87
C THR A 63 24.88 -28.75 -25.84
N LEU A 64 25.48 -28.82 -24.67
CA LEU A 64 25.01 -29.76 -23.67
C LEU A 64 23.57 -29.51 -23.30
N LEU A 65 23.30 -28.23 -23.08
CA LEU A 65 21.90 -27.86 -22.85
C LEU A 65 20.95 -28.08 -23.99
N THR A 66 21.35 -27.72 -25.20
CA THR A 66 20.49 -27.92 -26.40
C THR A 66 20.03 -29.39 -26.53
N ASP A 67 20.91 -30.33 -26.22
CA ASP A 67 20.65 -31.69 -26.43
C ASP A 67 20.07 -32.35 -25.20
N ASN A 68 20.24 -31.80 -23.97
CA ASN A 68 19.94 -32.51 -22.79
C ASN A 68 19.18 -31.75 -21.72
N TYR A 69 18.71 -30.54 -22.03
CA TYR A 69 18.13 -29.75 -20.92
C TYR A 69 16.65 -30.13 -20.79
N VAL A 70 15.88 -29.34 -20.08
CA VAL A 70 14.45 -29.59 -19.83
C VAL A 70 13.51 -29.78 -21.04
N GLU A 71 12.74 -30.85 -20.98
CA GLU A 71 11.63 -31.08 -21.92
C GLU A 71 10.29 -31.03 -21.20
N ASP A 72 9.21 -30.79 -21.93
CA ASP A 72 7.87 -30.84 -21.36
C ASP A 72 7.56 -32.34 -21.22
N ASP A 73 6.42 -32.65 -20.59
CA ASP A 73 6.01 -34.07 -20.31
C ASP A 73 5.70 -34.88 -21.57
N ASP A 74 5.29 -34.22 -22.64
CA ASP A 74 5.06 -34.98 -23.83
C ASP A 74 6.35 -35.15 -24.66
N ASN A 75 7.47 -34.61 -24.16
CA ASN A 75 8.70 -34.45 -24.94
C ASN A 75 8.44 -34.09 -26.40
N ILE A 76 7.69 -33.03 -26.64
CA ILE A 76 7.67 -32.42 -27.95
C ILE A 76 8.64 -31.26 -27.98
N PHE A 77 8.88 -30.65 -26.81
CA PHE A 77 9.67 -29.40 -26.81
C PHE A 77 10.86 -29.53 -25.91
N ARG A 78 11.99 -28.96 -26.31
CA ARG A 78 13.12 -28.86 -25.34
C ARG A 78 13.65 -27.43 -25.24
N PHE A 79 13.87 -26.91 -24.02
CA PHE A 79 14.39 -25.53 -23.91
C PHE A 79 15.68 -25.43 -24.70
N ASN A 80 15.84 -24.29 -25.42
CA ASN A 80 17.02 -24.03 -26.26
C ASN A 80 17.57 -22.63 -26.02
N TYR A 81 18.06 -22.41 -24.77
CA TYR A 81 18.62 -21.14 -24.37
C TYR A 81 19.79 -20.90 -25.28
N SER A 82 19.87 -19.69 -25.82
CA SER A 82 20.91 -19.36 -26.77
C SER A 82 22.20 -19.11 -26.06
N ALA A 83 23.32 -19.21 -26.76
CA ALA A 83 24.58 -18.87 -26.12
C ALA A 83 24.63 -17.46 -25.48
N GLU A 84 24.10 -16.48 -26.23
CA GLU A 84 24.25 -15.13 -25.81
C GLU A 84 23.35 -14.96 -24.56
N PHE A 85 22.18 -15.64 -24.51
CA PHE A 85 21.39 -15.67 -23.23
C PHE A 85 22.24 -16.24 -22.08
N LEU A 86 22.94 -17.36 -22.31
CA LEU A 86 23.67 -17.97 -21.15
C LEU A 86 24.74 -16.99 -20.68
N LEU A 87 25.35 -16.28 -21.60
CA LEU A 87 26.36 -15.33 -21.19
C LEU A 87 25.71 -14.26 -20.24
N TRP A 88 24.62 -13.59 -20.65
CA TRP A 88 23.85 -12.69 -19.72
C TRP A 88 23.40 -13.30 -18.38
N ALA A 89 22.86 -14.51 -18.44
CA ALA A 89 22.39 -15.20 -17.21
C ALA A 89 23.50 -15.50 -16.18
N LEU A 90 24.71 -15.73 -16.70
CA LEU A 90 25.81 -16.24 -15.84
C LEU A 90 26.82 -15.16 -15.46
N THR A 91 26.75 -13.97 -16.05
CA THR A 91 27.76 -12.96 -15.80
C THR A 91 27.22 -11.67 -15.17
N SER A 92 26.14 -11.79 -14.41
CA SER A 92 25.67 -10.65 -13.63
C SER A 92 26.72 -10.10 -12.63
N PRO A 93 26.42 -8.92 -12.00
CA PRO A 93 27.40 -8.25 -11.13
C PRO A 93 27.90 -9.18 -10.04
N ASN A 94 29.22 -9.26 -9.91
CA ASN A 94 29.85 -10.00 -8.83
C ASN A 94 29.84 -11.52 -8.98
N TYR A 95 29.50 -11.97 -10.17
CA TYR A 95 29.43 -13.39 -10.50
C TYR A 95 30.84 -13.94 -10.25
N LEU A 96 30.88 -15.24 -9.97
CA LEU A 96 32.14 -15.96 -9.76
C LEU A 96 32.24 -17.02 -10.86
N LYS A 97 33.33 -17.00 -11.64
CA LYS A 97 33.71 -18.09 -12.53
C LYS A 97 33.67 -19.49 -11.87
N THR A 98 34.03 -19.57 -10.59
CA THR A 98 34.22 -20.89 -10.01
C THR A 98 32.85 -21.46 -9.56
N TRP A 99 31.79 -20.67 -9.77
CA TRP A 99 30.44 -21.17 -9.61
C TRP A 99 29.83 -21.63 -10.90
N HIS A 100 30.63 -21.75 -11.96
CA HIS A 100 30.16 -22.25 -13.31
C HIS A 100 30.92 -23.53 -13.52
N ILE A 101 30.31 -24.65 -13.07
CA ILE A 101 31.00 -25.96 -12.90
C ILE A 101 30.57 -27.00 -13.95
N GLY A 102 31.53 -27.45 -14.74
CA GLY A 102 31.24 -28.53 -15.69
C GLY A 102 31.79 -29.87 -15.20
N VAL A 103 31.43 -30.95 -15.92
CA VAL A 103 32.04 -32.24 -15.60
C VAL A 103 32.33 -32.79 -17.00
N LYS A 104 33.56 -33.24 -17.23
CA LYS A 104 33.90 -33.87 -18.52
C LYS A 104 34.15 -35.34 -18.39
N TYR A 105 33.95 -36.01 -19.52
CA TYR A 105 34.35 -37.39 -19.64
C TYR A 105 35.77 -37.33 -20.22
N ASP A 106 36.72 -37.85 -19.44
CA ASP A 106 38.13 -37.71 -19.76
C ASP A 106 38.48 -38.26 -21.12
N ALA A 107 37.97 -39.44 -21.44
CA ALA A 107 38.31 -40.13 -22.69
C ALA A 107 37.88 -39.35 -23.98
N SER A 108 36.71 -38.73 -24.02
CA SER A 108 36.31 -37.90 -25.17
C SER A 108 36.61 -36.36 -25.03
N ASN A 109 36.91 -35.91 -23.80
CA ASN A 109 37.09 -34.50 -23.46
C ASN A 109 35.79 -33.73 -23.64
N LYS A 110 34.66 -34.45 -23.61
CA LYS A 110 33.31 -33.87 -23.90
C LYS A 110 32.61 -33.41 -22.58
N LEU A 111 31.94 -32.28 -22.60
CA LEU A 111 31.20 -31.80 -21.41
C LEU A 111 29.94 -32.60 -21.29
N ILE A 112 29.72 -33.27 -20.16
CA ILE A 112 28.56 -34.20 -19.96
C ILE A 112 27.68 -33.87 -18.73
N GLY A 113 28.06 -32.78 -18.03
CA GLY A 113 27.38 -32.27 -16.80
C GLY A 113 27.70 -30.79 -16.57
N PHE A 114 26.76 -30.07 -15.93
CA PHE A 114 26.94 -28.65 -15.63
C PHE A 114 26.06 -28.28 -14.42
N ILE A 115 26.48 -27.28 -13.69
CA ILE A 115 25.57 -26.63 -12.70
C ILE A 115 26.09 -25.21 -12.51
N SER A 116 25.22 -24.21 -12.31
CA SER A 116 25.72 -22.88 -12.07
C SER A 116 25.04 -22.14 -10.91
N ALA A 117 25.71 -21.16 -10.37
CA ALA A 117 25.06 -20.21 -9.44
C ALA A 117 25.56 -18.81 -9.74
N ILE A 118 24.73 -17.82 -9.42
CA ILE A 118 25.12 -16.42 -9.42
C ILE A 118 24.73 -15.84 -8.03
N PRO A 119 25.45 -14.78 -7.56
CA PRO A 119 25.09 -14.23 -6.26
C PRO A 119 23.97 -13.26 -6.39
N THR A 120 23.02 -13.32 -5.46
CA THR A 120 21.89 -12.35 -5.45
C THR A 120 21.42 -12.11 -4.02
N ASP A 121 21.03 -10.88 -3.70
CA ASP A 121 20.43 -10.57 -2.42
C ASP A 121 18.95 -10.88 -2.54
N ILE A 122 18.45 -11.73 -1.64
CA ILE A 122 17.06 -12.21 -1.67
C ILE A 122 16.33 -11.79 -0.38
N CYS A 123 15.20 -11.12 -0.53
CA CYS A 123 14.42 -10.76 0.62
C CYS A 123 13.29 -11.78 0.72
N ILE A 124 13.36 -12.62 1.75
CA ILE A 124 12.33 -13.63 2.15
C ILE A 124 11.58 -13.16 3.43
N HIS A 125 10.30 -12.87 3.28
CA HIS A 125 9.51 -12.45 4.43
C HIS A 125 10.16 -11.24 5.20
N LYS A 126 10.65 -10.27 4.43
CA LYS A 126 11.27 -9.01 4.98
C LYS A 126 12.67 -9.21 5.64
N ARG A 127 13.31 -10.31 5.31
CA ARG A 127 14.71 -10.45 5.73
C ARG A 127 15.51 -10.58 4.46
N THR A 128 16.49 -9.70 4.30
CA THR A 128 17.36 -9.77 3.12
C THR A 128 18.57 -10.65 3.45
N ILE A 129 18.81 -11.64 2.59
CA ILE A 129 19.85 -12.65 2.81
C ILE A 129 20.73 -12.69 1.54
N LYS A 130 22.03 -12.71 1.70
CA LYS A 130 22.92 -12.93 0.53
CA LYS A 130 22.90 -12.91 0.53
C LYS A 130 22.73 -14.39 0.14
N MET A 131 22.35 -14.65 -1.09
CA MET A 131 22.14 -16.08 -1.46
C MET A 131 22.83 -16.32 -2.78
N ALA A 132 22.80 -17.58 -3.16
CA ALA A 132 23.14 -18.04 -4.50
C ALA A 132 21.87 -18.45 -5.29
N GLU A 133 21.73 -17.98 -6.50
CA GLU A 133 20.66 -18.47 -7.34
C GLU A 133 21.23 -19.59 -8.26
N VAL A 134 20.67 -20.79 -8.20
CA VAL A 134 21.23 -21.97 -8.88
C VAL A 134 20.36 -22.27 -10.12
N ASN A 135 21.04 -22.60 -11.19
CA ASN A 135 20.42 -22.80 -12.47
C ASN A 135 21.20 -23.67 -13.43
N PHE A 136 20.48 -24.23 -14.41
CA PHE A 136 21.10 -24.91 -15.53
C PHE A 136 21.82 -26.21 -15.02
N LEU A 137 21.32 -26.84 -13.96
CA LEU A 137 21.74 -28.21 -13.65
C LEU A 137 21.39 -29.09 -14.78
N CYS A 138 22.36 -29.79 -15.31
CA CYS A 138 22.11 -30.70 -16.40
C CYS A 138 23.06 -31.88 -16.42
N VAL A 139 22.54 -33.11 -16.58
CA VAL A 139 23.40 -34.28 -16.89
C VAL A 139 22.98 -34.83 -18.29
N HIS A 140 23.96 -35.30 -19.08
CA HIS A 140 23.75 -35.84 -20.43
C HIS A 140 22.72 -36.97 -20.37
N LYS A 141 21.82 -37.03 -21.34
CA LYS A 141 20.76 -37.99 -21.33
C LYS A 141 21.30 -39.41 -21.16
N THR A 142 22.52 -39.64 -21.63
CA THR A 142 23.04 -41.03 -21.56
C THR A 142 23.49 -41.41 -20.15
N LEU A 143 23.52 -40.43 -19.22
CA LEU A 143 24.17 -40.67 -17.89
C LEU A 143 23.17 -40.48 -16.77
N ARG A 144 21.91 -40.55 -17.10
CA ARG A 144 20.85 -40.28 -16.17
C ARG A 144 20.63 -41.39 -15.12
N SER A 145 20.11 -41.00 -13.96
CA SER A 145 19.82 -41.91 -12.82
C SER A 145 21.06 -42.65 -12.35
N LYS A 146 22.21 -41.98 -12.45
CA LYS A 146 23.43 -42.53 -11.80
C LYS A 146 23.94 -41.76 -10.62
N ARG A 147 23.07 -40.96 -9.99
CA ARG A 147 23.44 -40.16 -8.81
C ARG A 147 24.54 -39.14 -9.06
N LEU A 148 24.71 -38.73 -10.30
CA LEU A 148 25.54 -37.58 -10.60
C LEU A 148 24.98 -36.26 -10.09
N ALA A 149 23.65 -36.09 -10.16
CA ALA A 149 23.09 -34.78 -9.78
C ALA A 149 23.48 -34.36 -8.36
N PRO A 150 23.35 -35.26 -7.37
CA PRO A 150 23.73 -34.83 -6.00
C PRO A 150 25.21 -34.49 -5.87
N VAL A 151 26.05 -35.10 -6.68
CA VAL A 151 27.42 -34.72 -6.63
C VAL A 151 27.55 -33.28 -7.16
N LEU A 152 26.92 -32.95 -8.30
CA LEU A 152 26.90 -31.56 -8.80
C LEU A 152 26.37 -30.57 -7.71
N ILE A 153 25.31 -30.98 -7.02
CA ILE A 153 24.70 -30.10 -6.05
C ILE A 153 25.63 -29.91 -4.83
N LYS A 154 26.34 -30.95 -4.45
CA LYS A 154 27.10 -30.87 -3.26
C LYS A 154 28.37 -30.06 -3.59
N GLU A 155 28.92 -30.28 -4.78
CA GLU A 155 30.10 -29.50 -5.16
C GLU A 155 29.76 -27.98 -5.23
N ILE A 156 28.61 -27.61 -5.80
CA ILE A 156 28.36 -26.18 -5.86
C ILE A 156 28.07 -25.66 -4.43
N THR A 157 27.33 -26.40 -3.64
CA THR A 157 27.07 -25.97 -2.24
C THR A 157 28.39 -25.67 -1.55
N ARG A 158 29.40 -26.52 -1.80
CA ARG A 158 30.69 -26.36 -1.07
C ARG A 158 31.36 -25.07 -1.62
N ARG A 159 31.40 -24.91 -2.93
CA ARG A 159 31.91 -23.67 -3.55
C ARG A 159 31.23 -22.38 -3.12
N ILE A 160 29.93 -22.45 -2.96
CA ILE A 160 29.13 -21.38 -2.40
C ILE A 160 29.46 -21.08 -0.96
N ASN A 161 29.49 -22.10 -0.08
CA ASN A 161 29.85 -21.94 1.30
C ASN A 161 31.22 -21.33 1.55
N LEU A 162 32.16 -21.59 0.63
CA LEU A 162 33.49 -20.94 0.68
C LEU A 162 33.46 -19.40 0.65
N GLU A 163 32.40 -18.85 0.05
CA GLU A 163 32.23 -17.42 -0.02
C GLU A 163 31.38 -16.93 1.14
N ASN A 164 31.18 -17.78 2.16
CA ASN A 164 30.37 -17.39 3.34
C ASN A 164 28.85 -17.18 3.05
N ILE A 165 28.36 -17.93 2.04
CA ILE A 165 26.96 -17.90 1.66
C ILE A 165 26.39 -19.28 1.98
N TRP A 166 25.22 -19.33 2.61
CA TRP A 166 24.70 -20.55 3.31
C TRP A 166 23.25 -20.80 2.94
N GLN A 167 22.73 -19.94 2.07
CA GLN A 167 21.38 -20.02 1.52
C GLN A 167 21.37 -19.95 0.00
N ALA A 168 20.36 -20.57 -0.63
CA ALA A 168 20.18 -20.52 -2.12
C ALA A 168 18.75 -20.49 -2.49
N ILE A 169 18.48 -20.01 -3.69
CA ILE A 169 17.12 -20.02 -4.24
C ILE A 169 17.24 -20.80 -5.53
N TYR A 170 16.20 -21.53 -5.82
CA TYR A 170 16.16 -22.34 -7.05
C TYR A 170 14.70 -22.71 -7.32
N THR A 171 14.47 -23.25 -8.53
CA THR A 171 13.11 -23.51 -9.05
C THR A 171 13.26 -24.83 -9.85
N ALA A 172 12.21 -25.63 -9.86
CA ALA A 172 12.16 -26.81 -10.72
C ALA A 172 10.70 -27.09 -11.01
N GLY A 173 10.46 -27.84 -12.10
CA GLY A 173 9.09 -28.31 -12.37
C GLY A 173 8.84 -29.54 -11.58
N VAL A 174 9.87 -30.20 -11.15
CA VAL A 174 9.69 -31.42 -10.32
C VAL A 174 9.44 -31.05 -8.88
N TYR A 175 8.67 -31.90 -8.22
CA TYR A 175 8.41 -31.69 -6.83
C TYR A 175 9.52 -32.29 -5.94
N LEU A 176 10.13 -31.40 -5.14
CA LEU A 176 11.21 -31.68 -4.21
C LEU A 176 10.84 -31.12 -2.88
N PRO A 177 11.51 -31.62 -1.83
CA PRO A 177 11.33 -31.13 -0.47
C PRO A 177 11.99 -29.75 -0.33
N LYS A 178 11.26 -28.69 -0.03
CA LYS A 178 9.78 -28.63 -0.15
C LYS A 178 9.50 -27.22 -0.67
N PRO A 179 8.50 -27.06 -1.54
CA PRO A 179 8.45 -25.69 -2.06
C PRO A 179 7.93 -24.63 -1.09
N VAL A 180 8.42 -23.39 -1.22
CA VAL A 180 7.91 -22.24 -0.41
C VAL A 180 6.76 -21.57 -1.16
N SER A 181 6.73 -21.81 -2.48
CA SER A 181 5.62 -21.44 -3.36
C SER A 181 5.52 -22.27 -4.65
N ASP A 182 4.36 -22.27 -5.29
CA ASP A 182 4.13 -23.15 -6.44
C ASP A 182 3.31 -22.37 -7.44
N ALA A 183 3.83 -22.10 -8.64
CA ALA A 183 3.11 -21.21 -9.59
C ALA A 183 2.89 -21.92 -10.97
N ARG A 184 1.64 -22.16 -11.32
CA ARG A 184 1.29 -22.53 -12.67
C ARG A 184 1.73 -21.48 -13.76
N TYR A 185 2.13 -22.02 -14.90
CA TYR A 185 2.33 -21.13 -16.06
C TYR A 185 1.13 -21.08 -17.01
N TYR A 186 1.02 -19.93 -17.67
CA TYR A 186 -0.07 -19.67 -18.63
C TYR A 186 0.51 -19.21 -19.94
N HIS A 187 -0.16 -19.49 -21.05
CA HIS A 187 0.47 -19.14 -22.33
C HIS A 187 -0.52 -18.33 -23.19
N ARG A 188 -0.06 -17.21 -23.75
CA ARG A 188 -0.97 -16.45 -24.63
C ARG A 188 -0.50 -16.61 -26.09
N SER A 189 -1.29 -17.35 -26.86
CA SER A 189 -1.05 -17.51 -28.28
C SER A 189 -0.91 -16.21 -29.11
N ILE A 190 0.12 -16.16 -29.95
CA ILE A 190 0.38 -14.99 -30.78
C ILE A 190 0.31 -15.49 -32.19
N ASN A 191 1.15 -16.46 -32.54
CA ASN A 191 1.13 -17.06 -33.86
CA ASN A 191 1.08 -17.10 -33.89
C ASN A 191 0.32 -18.41 -33.81
N VAL A 192 -1.00 -18.30 -33.78
CA VAL A 192 -2.01 -19.36 -33.58
CA VAL A 192 -1.79 -19.48 -33.42
C VAL A 192 -1.76 -20.57 -34.49
N LYS A 193 -1.62 -20.24 -35.77
CA LYS A 193 -1.50 -21.30 -36.78
C LYS A 193 -0.27 -22.21 -36.58
N LYS A 194 0.88 -21.58 -36.39
CA LYS A 194 2.06 -22.34 -36.00
C LYS A 194 1.75 -23.21 -34.77
N LEU A 195 1.23 -22.61 -33.71
CA LEU A 195 1.01 -23.32 -32.47
C LEU A 195 0.09 -24.57 -32.63
N ILE A 196 -0.87 -24.50 -33.54
CA ILE A 196 -1.73 -25.64 -33.86
C ILE A 196 -1.00 -26.70 -34.74
N GLU A 197 -0.27 -26.23 -35.73
CA GLU A 197 0.44 -27.13 -36.62
C GLU A 197 1.52 -27.93 -35.87
N ILE A 198 2.03 -27.43 -34.75
CA ILE A 198 2.97 -28.17 -33.94
C ILE A 198 2.40 -28.90 -32.75
N GLY A 199 1.10 -28.82 -32.54
CA GLY A 199 0.48 -29.54 -31.44
C GLY A 199 0.26 -28.83 -30.11
N PHE A 200 1.02 -27.76 -29.83
CA PHE A 200 0.81 -26.87 -28.66
C PHE A 200 -0.68 -26.47 -28.43
N SER A 201 -1.37 -26.01 -29.47
CA SER A 201 -2.78 -25.65 -29.37
C SER A 201 -3.63 -26.51 -30.28
N SER A 202 -4.93 -26.46 -30.07
CA SER A 202 -5.82 -27.31 -30.83
C SER A 202 -7.15 -26.62 -31.18
N LEU A 203 -7.82 -27.17 -32.18
CA LEU A 203 -9.11 -26.72 -32.64
C LEU A 203 -10.21 -27.72 -32.23
N ASN A 204 -11.42 -27.23 -31.90
CA ASN A 204 -12.66 -28.06 -31.77
C ASN A 204 -13.46 -27.88 -33.06
N SER A 205 -14.51 -28.67 -33.27
CA SER A 205 -15.40 -28.47 -34.43
C SER A 205 -16.07 -27.10 -34.42
N ARG A 206 -16.30 -26.57 -33.22
CA ARG A 206 -16.73 -25.18 -33.00
C ARG A 206 -15.65 -24.14 -33.43
N LEU A 207 -14.39 -24.33 -32.98
CA LEU A 207 -13.32 -23.38 -33.31
C LEU A 207 -12.44 -23.82 -34.46
N THR A 208 -12.79 -23.35 -35.65
CA THR A 208 -12.08 -23.57 -36.90
C THR A 208 -10.81 -22.74 -36.89
N MET A 209 -9.95 -23.06 -37.84
CA MET A 209 -8.69 -22.37 -37.99
C MET A 209 -8.91 -20.87 -38.16
N SER A 210 -9.76 -20.42 -39.11
CA SER A 210 -9.95 -18.99 -39.28
C SER A 210 -10.47 -18.37 -37.94
N ARG A 211 -11.24 -19.12 -37.16
CA ARG A 211 -11.93 -18.56 -36.01
CA ARG A 211 -11.93 -18.54 -36.01
C ARG A 211 -10.93 -18.41 -34.88
N ALA A 212 -10.03 -19.40 -34.78
CA ALA A 212 -8.93 -19.34 -33.85
C ALA A 212 -7.98 -18.18 -34.18
N ILE A 213 -7.56 -18.03 -35.45
CA ILE A 213 -6.76 -16.85 -35.82
C ILE A 213 -7.44 -15.56 -35.36
N LYS A 214 -8.75 -15.43 -35.61
CA LYS A 214 -9.45 -14.20 -35.28
C LYS A 214 -9.47 -13.97 -33.78
N LEU A 215 -9.64 -15.05 -33.03
CA LEU A 215 -9.77 -14.99 -31.60
C LEU A 215 -8.50 -14.27 -31.00
N TYR A 216 -7.34 -14.56 -31.53
CA TYR A 216 -6.10 -14.15 -30.89
C TYR A 216 -5.54 -12.88 -31.55
N ARG A 217 -6.24 -12.33 -32.53
CA ARG A 217 -5.76 -11.14 -33.29
CA ARG A 217 -5.75 -11.16 -33.27
C ARG A 217 -5.55 -9.98 -32.31
N VAL A 218 -4.48 -9.21 -32.47
CA VAL A 218 -4.29 -8.02 -31.62
C VAL A 218 -4.16 -6.74 -32.48
N GLU A 219 -4.57 -5.60 -31.91
CA GLU A 219 -4.51 -4.31 -32.55
C GLU A 219 -3.06 -3.91 -32.35
N ASP A 220 -2.39 -3.57 -33.46
CA ASP A 220 -1.02 -3.09 -33.43
C ASP A 220 -0.88 -1.60 -32.99
N THR A 221 -1.53 -1.23 -31.90
CA THR A 221 -1.41 0.08 -31.28
C THR A 221 -1.25 -0.07 -29.78
N LEU A 222 -0.23 0.59 -29.23
CA LEU A 222 0.02 0.50 -27.83
C LEU A 222 -0.97 1.27 -26.98
N ASN A 223 -1.27 0.73 -25.79
CA ASN A 223 -2.16 1.46 -24.83
C ASN A 223 -1.44 2.65 -24.21
N ILE A 224 -0.13 2.49 -24.06
CA ILE A 224 0.72 3.55 -23.54
C ILE A 224 1.62 3.90 -24.69
N LYS A 225 1.31 5.01 -25.37
CA LYS A 225 1.86 5.33 -26.70
C LYS A 225 3.40 5.53 -26.70
N ASN A 226 3.95 6.00 -25.61
CA ASN A 226 5.40 6.31 -25.49
C ASN A 226 6.29 5.14 -24.95
N MET A 227 5.72 3.95 -24.79
CA MET A 227 6.49 2.77 -24.36
C MET A 227 7.63 2.55 -25.35
N ARG A 228 8.88 2.63 -24.90
CA ARG A 228 10.04 2.51 -25.80
C ARG A 228 11.12 1.63 -25.17
N LEU A 229 12.00 1.05 -26.02
CA LEU A 229 13.14 0.34 -25.50
C LEU A 229 13.86 1.16 -24.41
N MET A 230 14.22 0.47 -23.33
CA MET A 230 15.02 1.03 -22.30
C MET A 230 16.42 1.36 -22.81
N LYS A 231 16.99 2.45 -22.26
CA LYS A 231 18.27 2.98 -22.64
C LYS A 231 19.03 3.15 -21.35
N LYS A 232 20.36 3.33 -21.45
CA LYS A 232 21.20 3.53 -20.24
C LYS A 232 20.70 4.60 -19.30
N LYS A 233 20.22 5.70 -19.87
CA LYS A 233 19.75 6.81 -19.07
C LYS A 233 18.61 6.40 -18.09
N ASP A 234 17.92 5.30 -18.38
CA ASP A 234 16.68 4.90 -17.64
C ASP A 234 16.98 4.07 -16.40
N VAL A 235 18.29 3.75 -16.22
CA VAL A 235 18.61 2.80 -15.21
C VAL A 235 18.19 3.24 -13.77
N GLU A 236 18.49 4.50 -13.38
CA GLU A 236 18.09 5.00 -12.06
C GLU A 236 16.57 4.97 -11.95
N GLY A 237 15.86 5.36 -13.01
CA GLY A 237 14.39 5.39 -12.96
C GLY A 237 13.75 4.01 -12.82
N VAL A 238 14.28 3.06 -13.57
CA VAL A 238 13.85 1.69 -13.45
C VAL A 238 14.15 1.18 -12.07
N HIS A 239 15.34 1.50 -11.52
CA HIS A 239 15.67 1.11 -10.16
C HIS A 239 14.66 1.56 -9.11
N LYS A 240 14.26 2.83 -9.18
CA LYS A 240 13.29 3.37 -8.23
C LYS A 240 11.91 2.69 -8.40
N LEU A 241 11.43 2.64 -9.62
CA LEU A 241 10.06 2.07 -9.90
C LEU A 241 9.92 0.57 -9.49
N LEU A 242 10.91 -0.22 -9.90
CA LEU A 242 10.89 -1.66 -9.72
C LEU A 242 11.20 -1.94 -8.26
N GLY A 243 12.19 -1.21 -7.70
CA GLY A 243 12.62 -1.44 -6.34
C GLY A 243 11.47 -1.18 -5.37
N SER A 244 10.64 -0.21 -5.69
CA SER A 244 9.56 0.15 -4.77
C SER A 244 8.39 -0.79 -4.88
N TYR A 245 8.05 -1.14 -6.11
CA TYR A 245 7.02 -2.12 -6.40
C TYR A 245 7.28 -3.47 -5.72
N LEU A 246 8.53 -3.95 -5.82
CA LEU A 246 8.87 -5.29 -5.37
C LEU A 246 8.81 -5.42 -3.85
N GLU A 247 8.87 -4.32 -3.09
CA GLU A 247 8.78 -4.45 -1.67
C GLU A 247 7.49 -5.07 -1.05
N GLN A 248 6.37 -4.94 -1.72
CA GLN A 248 5.16 -5.61 -1.25
C GLN A 248 5.24 -7.15 -1.16
N PHE A 249 6.15 -7.83 -1.89
CA PHE A 249 6.06 -9.29 -2.00
C PHE A 249 6.81 -10.05 -0.92
N ASN A 250 6.48 -11.32 -0.71
CA ASN A 250 7.08 -12.12 0.33
C ASN A 250 8.46 -12.62 -0.06
N LEU A 251 8.74 -12.66 -1.35
CA LEU A 251 9.98 -13.26 -1.87
C LEU A 251 10.35 -12.44 -3.09
N TYR A 252 11.54 -11.81 -3.07
CA TYR A 252 11.96 -10.98 -4.21
C TYR A 252 13.47 -10.64 -4.14
N ALA A 253 14.10 -10.32 -5.29
CA ALA A 253 15.51 -9.98 -5.28
C ALA A 253 15.61 -8.48 -4.96
N VAL A 254 16.54 -8.10 -4.10
CA VAL A 254 16.91 -6.71 -3.91
C VAL A 254 18.03 -6.30 -4.93
N PHE A 255 17.64 -5.47 -5.91
CA PHE A 255 18.53 -5.07 -7.06
C PHE A 255 19.23 -3.77 -6.74
N THR A 256 20.56 -3.74 -6.81
CA THR A 256 21.38 -2.53 -6.98
C THR A 256 21.19 -1.89 -8.37
N LYS A 257 21.62 -0.64 -8.47
CA LYS A 257 21.63 0.05 -9.75
C LYS A 257 22.42 -0.79 -10.76
N GLU A 258 23.52 -1.45 -10.33
CA GLU A 258 24.34 -2.21 -11.26
C GLU A 258 23.59 -3.48 -11.79
N GLU A 259 22.85 -4.16 -10.91
CA GLU A 259 22.02 -5.29 -11.33
C GLU A 259 20.85 -4.87 -12.27
N ILE A 260 20.22 -3.76 -11.94
CA ILE A 260 19.22 -3.19 -12.86
C ILE A 260 19.80 -2.98 -14.25
N ALA A 261 21.03 -2.44 -14.37
CA ALA A 261 21.50 -2.27 -15.75
C ALA A 261 21.79 -3.60 -16.42
N HIS A 262 22.32 -4.54 -15.63
CA HIS A 262 22.60 -5.87 -16.18
C HIS A 262 21.33 -6.61 -16.62
N TRP A 263 20.33 -6.61 -15.74
CA TRP A 263 19.19 -7.47 -15.92
C TRP A 263 18.18 -6.90 -16.88
N PHE A 264 18.21 -5.56 -17.13
CA PHE A 264 17.17 -4.91 -17.95
C PHE A 264 17.58 -4.29 -19.30
N LEU A 265 18.81 -3.77 -19.42
CA LEU A 265 19.19 -3.14 -20.65
C LEU A 265 19.04 -4.13 -21.83
N PRO A 266 18.36 -3.67 -22.88
CA PRO A 266 18.02 -4.71 -23.84
C PRO A 266 19.23 -5.31 -24.51
N ILE A 267 19.11 -6.61 -24.79
CA ILE A 267 20.00 -7.32 -25.71
C ILE A 267 19.14 -8.15 -26.69
N GLU A 268 19.28 -7.85 -27.95
CA GLU A 268 18.51 -8.47 -29.02
C GLU A 268 18.53 -9.98 -28.83
N ASN A 269 17.36 -10.60 -28.89
CA ASN A 269 17.26 -12.03 -28.74
C ASN A 269 17.59 -12.59 -27.38
N VAL A 270 17.68 -11.72 -26.34
CA VAL A 270 17.83 -12.15 -24.98
C VAL A 270 16.81 -11.50 -24.04
N ILE A 271 16.93 -10.21 -23.88
CA ILE A 271 16.14 -9.44 -22.89
C ILE A 271 15.59 -8.16 -23.60
N TYR A 272 14.25 -7.99 -23.51
CA TYR A 272 13.49 -6.84 -23.98
C TYR A 272 12.89 -6.09 -22.75
N THR A 273 13.31 -4.83 -22.57
CA THR A 273 12.73 -3.96 -21.56
C THR A 273 12.26 -2.66 -22.23
N TYR A 274 11.00 -2.30 -21.95
CA TYR A 274 10.41 -1.08 -22.42
C TYR A 274 9.93 -0.22 -21.23
N VAL A 275 10.06 1.08 -21.43
CA VAL A 275 9.74 2.06 -20.38
C VAL A 275 8.87 3.18 -20.98
N ASN A 276 8.10 3.75 -20.06
CA ASN A 276 7.33 4.92 -20.30
C ASN A 276 7.85 6.05 -19.44
N GLU A 277 8.40 7.09 -20.10
CA GLU A 277 9.09 8.18 -19.39
C GLU A 277 8.22 9.42 -19.41
N GLU A 278 7.98 10.04 -18.26
CA GLU A 278 7.17 11.25 -18.19
C GLU A 278 7.90 12.25 -17.29
N ASN A 279 8.30 13.39 -17.85
CA ASN A 279 9.09 14.38 -17.10
C ASN A 279 10.42 13.79 -16.65
N GLY A 280 11.01 12.94 -17.50
CA GLY A 280 12.28 12.31 -17.23
C GLY A 280 12.15 11.31 -16.11
N LYS A 281 10.91 10.88 -15.86
CA LYS A 281 10.60 9.90 -14.79
C LYS A 281 10.08 8.61 -15.39
N ILE A 282 10.62 7.48 -14.92
CA ILE A 282 10.11 6.21 -15.45
C ILE A 282 8.86 5.84 -14.65
N LYS A 283 7.67 5.88 -15.28
CA LYS A 283 6.46 5.56 -14.58
C LYS A 283 5.85 4.19 -14.92
N ASP A 284 6.33 3.54 -15.98
CA ASP A 284 5.84 2.21 -16.35
C ASP A 284 6.94 1.40 -17.00
N MET A 285 6.92 0.08 -16.79
CA MET A 285 7.90 -0.78 -17.44
C MET A 285 7.27 -2.12 -17.86
N ILE A 286 7.73 -2.68 -19.01
CA ILE A 286 7.41 -4.07 -19.43
C ILE A 286 8.72 -4.75 -19.64
N SER A 287 8.87 -6.00 -19.19
CA SER A 287 10.04 -6.78 -19.61
C SER A 287 9.71 -8.26 -19.83
N PHE A 288 10.46 -8.84 -20.71
CA PHE A 288 10.30 -10.24 -21.09
C PHE A 288 11.64 -10.74 -21.67
N TYR A 289 11.93 -12.00 -21.51
CA TYR A 289 13.11 -12.59 -22.07
C TYR A 289 12.81 -13.67 -23.13
N SER A 290 13.79 -13.90 -23.97
CA SER A 290 13.64 -14.84 -25.05
C SER A 290 14.12 -16.23 -24.68
N LEU A 291 13.21 -17.21 -24.69
CA LEU A 291 13.60 -18.56 -24.39
C LEU A 291 13.00 -19.47 -25.42
N PRO A 292 13.72 -19.70 -26.54
CA PRO A 292 13.16 -20.61 -27.54
C PRO A 292 13.06 -22.03 -27.01
N SER A 293 12.12 -22.77 -27.57
CA SER A 293 12.13 -24.21 -27.45
C SER A 293 12.40 -24.88 -28.81
N GLN A 294 13.26 -25.87 -28.79
CA GLN A 294 13.42 -26.69 -29.93
C GLN A 294 12.21 -27.65 -30.04
N ILE A 295 11.71 -27.82 -31.26
CA ILE A 295 10.51 -28.63 -31.47
C ILE A 295 11.06 -29.98 -31.96
N LEU A 296 10.83 -31.01 -31.17
CA LEU A 296 11.34 -32.36 -31.52
C LEU A 296 10.42 -33.06 -32.53
N GLY A 297 10.97 -33.46 -33.67
CA GLY A 297 10.25 -34.33 -34.63
C GLY A 297 8.97 -33.76 -35.25
N ASN A 298 9.03 -32.50 -35.68
CA ASN A 298 7.95 -31.85 -36.48
C ASN A 298 8.61 -31.59 -37.82
N ASP A 299 8.04 -32.10 -38.93
CA ASP A 299 8.62 -31.90 -40.27
C ASP A 299 8.79 -30.42 -40.65
N LYS A 300 7.98 -29.50 -40.08
CA LYS A 300 7.87 -28.16 -40.68
C LYS A 300 8.66 -27.10 -39.95
N TYR A 301 8.64 -27.18 -38.61
CA TYR A 301 9.23 -26.12 -37.77
C TYR A 301 10.24 -26.70 -36.81
N SER A 302 11.38 -26.05 -36.67
CA SER A 302 12.37 -26.55 -35.72
C SER A 302 12.41 -25.80 -34.34
N THR A 303 11.84 -24.59 -34.32
CA THR A 303 12.02 -23.72 -33.16
C THR A 303 10.72 -23.04 -32.88
N LEU A 304 10.32 -23.03 -31.62
CA LEU A 304 9.20 -22.20 -31.15
C LEU A 304 9.82 -20.92 -30.48
N ASN A 305 9.52 -19.74 -31.01
CA ASN A 305 9.97 -18.54 -30.31
C ASN A 305 9.02 -18.07 -29.26
N ALA A 306 9.55 -17.82 -28.06
CA ALA A 306 8.72 -17.67 -26.86
C ALA A 306 9.28 -16.54 -26.01
N ALA A 307 8.39 -15.62 -25.63
CA ALA A 307 8.70 -14.54 -24.71
C ALA A 307 8.14 -14.96 -23.37
N TYR A 308 8.96 -14.75 -22.36
CA TYR A 308 8.70 -15.05 -21.01
C TYR A 308 8.59 -13.74 -20.20
N SER A 309 7.36 -13.47 -19.74
CA SER A 309 7.06 -12.34 -18.85
C SER A 309 8.03 -12.32 -17.70
N PHE A 310 8.68 -11.16 -17.51
CA PHE A 310 9.75 -10.99 -16.54
C PHE A 310 9.28 -10.02 -15.40
N TYR A 311 9.48 -8.70 -15.53
CA TYR A 311 8.98 -7.73 -14.51
C TYR A 311 8.22 -6.68 -15.25
N ASN A 312 6.98 -6.42 -14.83
CA ASN A 312 6.02 -5.46 -15.43
C ASN A 312 5.47 -4.59 -14.29
N VAL A 313 5.58 -3.27 -14.46
CA VAL A 313 5.08 -2.33 -13.40
C VAL A 313 4.32 -1.19 -14.13
N THR A 314 3.08 -0.90 -13.75
CA THR A 314 2.39 0.26 -14.28
C THR A 314 1.98 1.26 -13.15
N THR A 315 2.10 2.55 -13.45
CA THR A 315 1.47 3.58 -12.56
C THR A 315 0.53 4.50 -13.31
N THR A 316 0.52 4.48 -14.62
CA THR A 316 -0.37 5.34 -15.41
C THR A 316 -1.48 4.60 -16.26
N ALA A 317 -1.50 3.28 -16.09
CA ALA A 317 -2.49 2.39 -16.69
C ALA A 317 -2.96 1.31 -15.76
N THR A 318 -3.96 0.55 -16.20
CA THR A 318 -4.39 -0.64 -15.49
C THR A 318 -3.33 -1.76 -15.78
N PHE A 319 -3.11 -2.63 -14.80
CA PHE A 319 -2.26 -3.77 -15.11
C PHE A 319 -2.68 -4.53 -16.40
N LYS A 320 -3.98 -4.58 -16.74
CA LYS A 320 -4.41 -5.29 -17.93
C LYS A 320 -3.90 -4.58 -19.20
N GLN A 321 -3.97 -3.24 -19.19
CA GLN A 321 -3.53 -2.45 -20.31
C GLN A 321 -2.03 -2.72 -20.55
N LEU A 322 -1.30 -2.74 -19.44
CA LEU A 322 0.16 -2.90 -19.46
C LEU A 322 0.51 -4.25 -20.11
N MET A 323 -0.10 -5.31 -19.64
CA MET A 323 0.14 -6.61 -20.17
C MET A 323 -0.32 -6.81 -21.59
N GLN A 324 -1.42 -6.13 -21.95
CA GLN A 324 -1.86 -6.15 -23.31
C GLN A 324 -0.75 -5.55 -24.22
N ASP A 325 -0.18 -4.41 -23.82
CA ASP A 325 1.00 -3.91 -24.42
C ASP A 325 2.21 -4.86 -24.41
N ALA A 326 2.50 -5.52 -23.29
CA ALA A 326 3.59 -6.53 -23.30
C ALA A 326 3.36 -7.55 -24.42
N ILE A 327 2.13 -8.11 -24.48
CA ILE A 327 1.77 -9.04 -25.59
C ILE A 327 2.04 -8.44 -26.98
N LEU A 328 1.64 -7.17 -27.25
CA LEU A 328 1.84 -6.57 -28.53
C LEU A 328 3.35 -6.43 -28.80
N LEU A 329 4.12 -6.00 -27.81
CA LEU A 329 5.58 -5.84 -28.00
C LEU A 329 6.30 -7.15 -28.31
N ALA A 330 5.88 -8.22 -27.68
CA ALA A 330 6.34 -9.54 -28.04
C ALA A 330 5.91 -9.87 -29.46
N LYS A 331 4.66 -9.61 -29.87
CA LYS A 331 4.28 -9.91 -31.25
C LYS A 331 5.15 -9.09 -32.19
N ARG A 332 5.43 -7.84 -31.83
CA ARG A 332 6.29 -6.99 -32.70
C ARG A 332 7.70 -7.50 -32.84
N ASN A 333 8.12 -8.35 -31.89
CA ASN A 333 9.47 -8.89 -31.95
C ASN A 333 9.46 -10.37 -32.42
N ASN A 334 8.37 -10.76 -33.11
CA ASN A 334 8.37 -12.07 -33.85
CA ASN A 334 8.30 -12.06 -33.82
C ASN A 334 8.29 -13.29 -32.90
N PHE A 335 7.87 -13.07 -31.66
CA PHE A 335 7.47 -14.19 -30.81
C PHE A 335 6.21 -14.92 -31.20
N ASP A 336 6.21 -16.23 -31.01
CA ASP A 336 5.05 -17.04 -31.33
C ASP A 336 4.08 -17.15 -30.19
N VAL A 337 4.58 -16.98 -28.97
CA VAL A 337 3.75 -17.25 -27.79
C VAL A 337 4.33 -16.36 -26.66
N PHE A 338 3.47 -15.88 -25.73
CA PHE A 338 3.85 -15.12 -24.53
C PHE A 338 3.49 -15.92 -23.26
N ASN A 339 4.50 -16.32 -22.50
CA ASN A 339 4.36 -17.22 -21.34
C ASN A 339 4.45 -16.35 -20.05
N ALA A 340 3.61 -16.62 -19.05
CA ALA A 340 3.75 -15.93 -17.76
C ALA A 340 3.41 -16.92 -16.64
N LEU A 341 3.98 -16.69 -15.45
CA LEU A 341 3.67 -17.46 -14.29
C LEU A 341 2.56 -16.63 -13.50
N GLU A 342 1.79 -17.33 -12.66
CA GLU A 342 0.77 -16.67 -11.83
C GLU A 342 1.42 -16.10 -10.58
N VAL A 343 2.50 -15.36 -10.81
CA VAL A 343 3.15 -14.58 -9.78
C VAL A 343 2.76 -13.13 -9.80
N MET A 344 3.11 -12.41 -8.74
CA MET A 344 2.78 -10.97 -8.65
C MET A 344 1.30 -10.71 -9.01
N GLN A 345 1.02 -9.70 -9.85
CA GLN A 345 -0.38 -9.47 -10.20
C GLN A 345 -0.81 -10.27 -11.42
N ASN A 346 0.01 -11.21 -11.90
CA ASN A 346 -0.26 -11.79 -13.21
C ASN A 346 -1.61 -12.44 -13.42
N LYS A 347 -2.03 -13.23 -12.45
CA LYS A 347 -3.19 -14.09 -12.66
C LYS A 347 -4.45 -13.28 -12.95
N SER A 348 -4.56 -12.08 -12.39
CA SER A 348 -5.74 -11.30 -12.59
C SER A 348 -5.99 -10.93 -14.06
N VAL A 349 -5.02 -11.08 -14.95
CA VAL A 349 -5.30 -10.64 -16.32
C VAL A 349 -5.39 -11.81 -17.31
N PHE A 350 -5.04 -13.00 -16.83
CA PHE A 350 -5.01 -14.16 -17.73
C PHE A 350 -6.32 -14.45 -18.45
N GLU A 351 -7.46 -14.39 -17.77
CA GLU A 351 -8.75 -14.66 -18.48
CA GLU A 351 -8.78 -14.63 -18.46
C GLU A 351 -9.06 -13.58 -19.56
N ASP A 352 -9.00 -12.33 -19.16
CA ASP A 352 -9.32 -11.21 -20.07
C ASP A 352 -8.41 -11.12 -21.30
N LEU A 353 -7.13 -11.47 -21.07
CA LEU A 353 -6.16 -11.35 -22.14
C LEU A 353 -5.96 -12.67 -22.89
N LYS A 354 -6.81 -13.66 -22.60
CA LYS A 354 -6.87 -14.86 -23.43
C LYS A 354 -5.69 -15.82 -23.27
N PHE A 355 -5.12 -15.84 -22.08
CA PHE A 355 -4.09 -16.81 -21.71
C PHE A 355 -4.77 -18.18 -21.51
N GLY A 356 -4.15 -19.25 -21.95
CA GLY A 356 -4.60 -20.61 -21.56
C GLY A 356 -3.76 -21.28 -20.47
N GLU A 357 -4.38 -21.97 -19.52
CA GLU A 357 -3.62 -22.65 -18.46
C GLU A 357 -2.73 -23.70 -19.07
N GLY A 358 -1.47 -23.72 -18.63
CA GLY A 358 -0.57 -24.79 -19.02
C GLY A 358 -0.79 -26.15 -18.37
N ASP A 359 0.16 -27.04 -18.59
CA ASP A 359 0.12 -28.42 -18.12
C ASP A 359 0.77 -28.66 -16.75
N GLY A 360 1.31 -27.64 -16.12
CA GLY A 360 2.16 -27.88 -14.93
C GLY A 360 2.48 -26.58 -14.22
N SER A 361 3.46 -26.68 -13.34
CA SER A 361 3.72 -25.55 -12.45
C SER A 361 5.20 -25.52 -12.18
N LEU A 362 5.71 -24.34 -11.85
CA LEU A 362 7.10 -24.12 -11.42
C LEU A 362 7.09 -23.89 -9.93
N LYS A 363 7.75 -24.82 -9.20
CA LYS A 363 7.97 -24.73 -7.76
C LYS A 363 9.22 -23.86 -7.43
N TYR A 364 9.12 -23.05 -6.37
CA TYR A 364 10.15 -22.16 -5.85
C TYR A 364 10.70 -22.70 -4.54
N TYR A 365 12.01 -22.83 -4.43
CA TYR A 365 12.61 -23.49 -3.26
C TYR A 365 13.70 -22.62 -2.69
N LEU A 366 13.89 -22.73 -1.39
CA LEU A 366 15.04 -22.18 -0.74
C LEU A 366 15.83 -23.30 -0.12
N TYR A 367 17.14 -23.12 -0.14
CA TYR A 367 18.06 -23.99 0.61
C TYR A 367 18.47 -23.42 1.96
N ASN A 368 18.39 -24.27 2.97
CA ASN A 368 18.76 -23.93 4.33
C ASN A 368 17.98 -22.68 4.85
N TRP A 369 16.66 -22.70 4.60
CA TRP A 369 15.79 -21.66 5.08
C TRP A 369 14.44 -22.28 5.45
N LYS A 370 13.98 -21.93 6.64
CA LYS A 370 12.69 -22.40 7.18
C LYS A 370 11.77 -21.16 7.28
N CYS A 371 10.57 -21.26 6.69
CA CYS A 371 9.57 -20.19 6.72
C CYS A 371 8.23 -20.77 6.32
N ALA A 372 7.18 -19.97 6.50
CA ALA A 372 5.83 -20.28 5.98
C ALA A 372 5.81 -20.25 4.46
N SER A 373 5.12 -21.23 3.86
CA SER A 373 4.89 -21.18 2.38
C SER A 373 3.77 -20.20 2.10
N PHE A 374 3.56 -19.85 0.84
CA PHE A 374 2.61 -18.81 0.47
C PHE A 374 2.15 -19.06 -0.91
N ALA A 375 1.00 -18.45 -1.22
CA ALA A 375 0.47 -18.46 -2.57
C ALA A 375 1.30 -17.63 -3.55
N PRO A 376 1.36 -18.08 -4.82
CA PRO A 376 2.26 -17.41 -5.81
C PRO A 376 1.98 -15.94 -6.13
N ALA A 377 0.75 -15.41 -5.88
CA ALA A 377 0.55 -13.93 -5.87
C ALA A 377 1.58 -13.18 -5.05
N HIS A 378 2.11 -13.83 -4.00
CA HIS A 378 3.07 -13.18 -3.05
C HIS A 378 4.55 -13.38 -3.49
N VAL A 379 4.77 -14.18 -4.55
CA VAL A 379 6.06 -14.40 -5.22
C VAL A 379 6.33 -13.17 -6.10
N GLY A 380 7.50 -12.55 -5.86
CA GLY A 380 7.94 -11.36 -6.57
C GLY A 380 9.25 -11.46 -7.26
N ILE A 381 9.60 -12.68 -7.67
CA ILE A 381 10.87 -12.92 -8.36
C ILE A 381 10.59 -13.90 -9.51
N VAL A 382 11.25 -13.68 -10.64
CA VAL A 382 11.17 -14.57 -11.85
C VAL A 382 12.61 -14.97 -12.19
N LEU A 383 12.90 -16.26 -12.10
CA LEU A 383 14.22 -16.75 -12.47
C LEU A 383 14.33 -16.96 -13.96
N LEU A 384 15.49 -17.42 -14.42
CA LEU A 384 15.74 -17.56 -15.82
C LEU A 384 15.55 -18.99 -16.29
N ASP B 1 -28.29 -4.99 -21.65
CA ASP B 1 -28.27 -3.52 -21.39
C ASP B 1 -28.80 -3.41 -20.00
N TYR B 2 -28.64 -2.24 -19.42
CA TYR B 2 -28.91 -2.18 -18.00
C TYR B 2 -29.64 -0.91 -17.82
N LYS B 3 -30.92 -0.92 -18.20
CA LYS B 3 -31.64 0.31 -18.41
C LYS B 3 -31.82 1.01 -17.11
N PHE B 4 -31.91 0.26 -16.01
CA PHE B 4 -31.95 0.93 -14.71
C PHE B 4 -30.54 1.27 -14.20
N TRP B 5 -29.64 0.29 -14.18
CA TRP B 5 -28.31 0.55 -13.59
C TRP B 5 -27.55 1.73 -14.28
N TYR B 6 -27.77 1.89 -15.59
CA TYR B 6 -27.18 2.93 -16.47
CA TYR B 6 -27.00 2.90 -16.30
C TYR B 6 -27.46 4.35 -15.99
N THR B 7 -28.60 4.47 -15.30
CA THR B 7 -29.11 5.72 -14.78
CA THR B 7 -29.06 5.77 -14.78
C THR B 7 -28.44 6.08 -13.42
N GLN B 8 -27.76 5.07 -12.83
CA GLN B 8 -27.14 5.10 -11.50
C GLN B 8 -25.64 5.52 -11.50
N PRO B 9 -25.16 6.19 -10.41
CA PRO B 9 -23.72 6.47 -10.27
C PRO B 9 -22.88 5.25 -9.97
N VAL B 10 -22.82 4.33 -10.93
CA VAL B 10 -22.01 3.10 -10.88
C VAL B 10 -21.23 3.00 -12.21
N PRO B 11 -20.20 2.17 -12.28
CA PRO B 11 -19.47 2.15 -13.56
C PRO B 11 -20.28 1.53 -14.68
N LYS B 12 -20.02 1.98 -15.90
CA LYS B 12 -20.50 1.30 -17.10
C LYS B 12 -19.80 -0.06 -17.21
N ILE B 13 -20.42 -0.98 -17.95
CA ILE B 13 -19.90 -2.34 -18.09
C ILE B 13 -18.44 -2.37 -18.61
N ASN B 14 -18.07 -1.41 -19.45
CA ASN B 14 -16.69 -1.33 -19.94
C ASN B 14 -15.72 -0.44 -19.20
N ASP B 15 -16.15 0.24 -18.14
CA ASP B 15 -15.17 1.05 -17.37
C ASP B 15 -14.07 0.24 -16.67
N GLU B 16 -12.85 0.74 -16.78
CA GLU B 16 -11.73 0.26 -15.95
C GLU B 16 -10.93 1.47 -15.52
N PHE B 17 -10.60 1.54 -14.26
CA PHE B 17 -9.93 2.69 -13.69
C PHE B 17 -8.55 2.27 -13.20
N ASN B 18 -7.56 3.15 -13.27
CA ASN B 18 -6.23 2.95 -12.64
C ASN B 18 -6.31 2.91 -11.13
N GLU B 19 -5.28 2.37 -10.50
CA GLU B 19 -5.22 2.34 -9.05
C GLU B 19 -5.22 3.71 -8.36
N SER B 20 -4.81 4.73 -9.08
CA SER B 20 -4.73 6.05 -8.54
C SER B 20 -6.13 6.71 -8.39
N VAL B 21 -7.14 6.14 -9.06
CA VAL B 21 -8.50 6.68 -9.07
C VAL B 21 -9.22 6.01 -7.92
N ASN B 22 -9.78 6.83 -7.01
CA ASN B 22 -10.43 6.36 -5.76
C ASN B 22 -11.30 7.46 -5.21
N GLU B 23 -12.56 7.56 -5.69
CA GLU B 23 -13.36 8.72 -5.42
C GLU B 23 -14.80 8.52 -5.91
N PRO B 24 -15.71 9.37 -5.44
CA PRO B 24 -17.09 9.14 -5.88
C PRO B 24 -17.32 9.40 -7.35
N PHE B 25 -18.40 8.88 -7.93
CA PHE B 25 -18.86 9.43 -9.20
C PHE B 25 -19.48 10.78 -9.09
N ILE B 26 -20.29 10.98 -8.08
CA ILE B 26 -20.89 12.25 -7.82
C ILE B 26 -20.50 12.77 -6.46
N SER B 27 -19.91 13.95 -6.47
CA SER B 27 -19.47 14.63 -5.28
C SER B 27 -20.31 15.82 -4.86
N ASP B 28 -19.97 16.40 -3.71
CA ASP B 28 -20.71 17.58 -3.26
C ASP B 28 -22.26 17.44 -3.20
N ASN B 29 -22.78 16.26 -2.83
CA ASN B 29 -24.21 16.08 -2.57
C ASN B 29 -24.73 16.85 -1.36
N LYS B 30 -26.00 17.28 -1.41
CA LYS B 30 -26.67 18.07 -0.41
C LYS B 30 -27.94 17.41 0.11
N VAL B 31 -27.94 17.11 1.41
CA VAL B 31 -29.13 16.56 2.09
C VAL B 31 -30.36 17.45 1.82
N GLU B 32 -30.16 18.79 1.80
CA GLU B 32 -31.35 19.69 1.57
C GLU B 32 -32.04 19.43 0.23
N ASP B 33 -31.30 18.89 -0.72
CA ASP B 33 -31.81 18.64 -2.04
C ASP B 33 -32.46 17.26 -2.33
N VAL B 34 -32.24 16.29 -1.43
CA VAL B 34 -32.81 14.96 -1.52
C VAL B 34 -34.33 15.04 -1.56
N ARG B 35 -34.95 14.21 -2.43
CA ARG B 35 -36.39 14.14 -2.58
C ARG B 35 -36.96 13.78 -1.19
N LYS B 36 -37.94 14.56 -0.70
CA LYS B 36 -38.61 14.30 0.60
C LYS B 36 -39.85 13.42 0.51
N ASP B 37 -40.29 13.12 -0.72
CA ASP B 37 -41.38 12.15 -0.99
C ASP B 37 -40.95 10.71 -1.19
N GLU B 38 -41.70 9.79 -0.59
CA GLU B 38 -41.46 8.37 -0.93
C GLU B 38 -41.63 8.09 -2.44
N TYR B 39 -40.82 7.19 -3.02
CA TYR B 39 -41.05 6.74 -4.41
C TYR B 39 -42.47 6.13 -4.63
N LYS B 40 -43.05 6.32 -5.81
CA LYS B 40 -44.41 5.89 -6.01
C LYS B 40 -44.38 4.43 -6.31
N LEU B 41 -45.34 3.67 -5.77
CA LEU B 41 -45.46 2.26 -6.03
C LEU B 41 -46.68 2.01 -6.94
N PRO B 42 -46.69 0.91 -7.69
CA PRO B 42 -47.93 0.51 -8.36
C PRO B 42 -49.23 0.54 -7.48
N PRO B 43 -50.38 0.70 -8.14
CA PRO B 43 -51.66 0.66 -7.51
C PRO B 43 -51.84 -0.53 -6.54
N GLY B 44 -52.30 -0.23 -5.34
CA GLY B 44 -52.63 -1.25 -4.31
C GLY B 44 -51.44 -1.72 -3.48
N TYR B 45 -50.25 -1.11 -3.66
CA TYR B 45 -49.05 -1.42 -2.91
C TYR B 45 -48.67 -0.24 -1.98
N SER B 46 -48.18 -0.52 -0.79
CA SER B 46 -47.76 0.56 0.14
C SER B 46 -46.41 0.25 0.75
N TRP B 47 -45.67 1.32 1.05
CA TRP B 47 -44.49 1.15 1.89
C TRP B 47 -44.91 0.74 3.29
N TYR B 48 -44.08 -0.08 3.91
CA TYR B 48 -44.33 -0.49 5.26
C TYR B 48 -43.10 -0.22 6.09
N VAL B 49 -43.30 0.41 7.24
CA VAL B 49 -42.14 0.61 8.14
C VAL B 49 -41.99 -0.67 8.93
N CYS B 50 -40.98 -1.50 8.64
CA CYS B 50 -40.76 -2.78 9.35
C CYS B 50 -40.03 -2.53 10.69
N ASP B 51 -40.58 -2.96 11.82
CA ASP B 51 -39.85 -2.79 13.07
C ASP B 51 -39.21 -4.10 13.41
N VAL B 52 -37.90 -4.22 13.17
CA VAL B 52 -37.29 -5.55 13.27
C VAL B 52 -37.35 -6.15 14.67
N LYS B 53 -37.45 -5.25 15.64
CA LYS B 53 -37.48 -5.62 17.06
C LYS B 53 -38.82 -6.18 17.42
N ASP B 54 -39.83 -5.85 16.63
CA ASP B 54 -41.19 -6.40 16.79
C ASP B 54 -41.38 -7.82 16.21
N GLU B 55 -41.79 -8.77 17.06
CA GLU B 55 -41.94 -10.18 16.66
C GLU B 55 -42.84 -10.35 15.42
N LYS B 56 -44.03 -9.76 15.48
CA LYS B 56 -44.91 -9.79 14.31
C LYS B 56 -44.23 -9.31 12.98
N ASP B 57 -43.63 -8.12 13.01
CA ASP B 57 -42.97 -7.58 11.83
C ASP B 57 -41.81 -8.45 11.39
N ARG B 58 -41.04 -8.98 12.37
CA ARG B 58 -39.89 -9.82 12.02
C ARG B 58 -40.29 -11.16 11.39
N SER B 59 -41.39 -11.71 11.92
CA SER B 59 -42.00 -12.89 11.40
C SER B 59 -42.42 -12.72 9.91
N GLU B 60 -42.92 -11.54 9.55
CA GLU B 60 -43.39 -11.33 8.15
C GLU B 60 -42.20 -11.23 7.24
N ILE B 61 -41.13 -10.57 7.71
CA ILE B 61 -39.85 -10.51 6.92
C ILE B 61 -39.31 -11.95 6.76
N TYR B 62 -39.31 -12.72 7.86
CA TYR B 62 -38.88 -14.14 7.84
C TYR B 62 -39.65 -14.96 6.85
N THR B 63 -41.00 -14.77 6.81
CA THR B 63 -41.83 -15.55 5.90
C THR B 63 -41.53 -15.21 4.44
N LEU B 64 -41.39 -13.89 4.18
CA LEU B 64 -41.06 -13.46 2.83
C LEU B 64 -39.75 -14.06 2.34
N LEU B 65 -38.71 -13.95 3.15
CA LEU B 65 -37.40 -14.54 2.72
C LEU B 65 -37.40 -16.05 2.67
N THR B 66 -37.96 -16.71 3.69
CA THR B 66 -38.12 -18.16 3.65
C THR B 66 -38.71 -18.66 2.33
N ASP B 67 -39.75 -18.00 1.83
CA ASP B 67 -40.36 -18.42 0.56
C ASP B 67 -39.80 -17.90 -0.78
N ASN B 68 -39.07 -16.76 -0.77
CA ASN B 68 -38.82 -16.03 -2.00
C ASN B 68 -37.40 -15.54 -2.14
N TYR B 69 -36.53 -15.95 -1.22
CA TYR B 69 -35.14 -15.38 -1.31
C TYR B 69 -34.26 -16.26 -2.24
N VAL B 70 -32.93 -16.10 -2.19
CA VAL B 70 -31.96 -16.68 -3.09
C VAL B 70 -32.01 -18.19 -3.23
N GLU B 71 -32.14 -18.69 -4.47
CA GLU B 71 -31.94 -20.12 -4.78
C GLU B 71 -30.65 -20.35 -5.54
N ASP B 72 -30.04 -21.53 -5.36
CA ASP B 72 -28.93 -21.93 -6.26
C ASP B 72 -29.56 -22.15 -7.64
N ASP B 73 -28.76 -22.31 -8.68
CA ASP B 73 -29.26 -22.43 -10.09
C ASP B 73 -30.08 -23.63 -10.47
N ASP B 74 -29.93 -24.75 -9.76
CA ASP B 74 -30.75 -25.92 -10.02
C ASP B 74 -32.03 -25.81 -9.29
N ASN B 75 -32.18 -24.73 -8.54
CA ASN B 75 -33.38 -24.51 -7.75
C ASN B 75 -33.59 -25.66 -6.77
N ILE B 76 -32.53 -26.25 -6.24
CA ILE B 76 -32.71 -27.26 -5.19
C ILE B 76 -32.73 -26.69 -3.74
N PHE B 77 -32.01 -25.60 -3.54
CA PHE B 77 -31.85 -25.06 -2.21
C PHE B 77 -32.32 -23.61 -2.21
N ARG B 78 -32.78 -23.14 -1.04
CA ARG B 78 -33.12 -21.70 -0.84
C ARG B 78 -32.62 -21.26 0.53
N PHE B 79 -31.90 -20.14 0.58
CA PHE B 79 -31.46 -19.57 1.83
C PHE B 79 -32.64 -19.40 2.78
N ASN B 80 -32.41 -19.66 4.06
CA ASN B 80 -33.46 -19.72 5.09
C ASN B 80 -32.94 -19.08 6.37
N TYR B 81 -32.52 -17.81 6.23
CA TYR B 81 -32.08 -17.01 7.39
C TYR B 81 -33.06 -17.11 8.51
N SER B 82 -32.58 -17.27 9.75
CA SER B 82 -33.52 -17.49 10.84
C SER B 82 -33.99 -16.11 11.31
N ALA B 83 -35.08 -16.03 12.06
CA ALA B 83 -35.62 -14.75 12.48
C ALA B 83 -34.62 -14.10 13.42
N GLU B 84 -33.92 -14.92 14.20
CA GLU B 84 -32.98 -14.47 15.24
CA GLU B 84 -33.01 -14.41 15.20
C GLU B 84 -31.78 -13.89 14.50
N PHE B 85 -31.37 -14.55 13.41
CA PHE B 85 -30.26 -14.08 12.53
C PHE B 85 -30.66 -12.71 11.99
N LEU B 86 -31.88 -12.56 11.49
CA LEU B 86 -32.32 -11.26 10.92
C LEU B 86 -32.31 -10.11 11.98
N LEU B 87 -32.83 -10.33 13.17
CA LEU B 87 -32.62 -9.38 14.28
C LEU B 87 -31.12 -9.01 14.41
N TRP B 88 -30.19 -9.99 14.50
CA TRP B 88 -28.80 -9.71 14.65
C TRP B 88 -28.21 -8.86 13.48
N ALA B 89 -28.54 -9.30 12.26
CA ALA B 89 -28.06 -8.60 11.06
C ALA B 89 -28.48 -7.15 10.90
N LEU B 90 -29.66 -6.81 11.43
CA LEU B 90 -30.31 -5.57 11.06
C LEU B 90 -30.27 -4.60 12.22
N THR B 91 -29.80 -5.04 13.41
CA THR B 91 -29.86 -4.12 14.57
C THR B 91 -28.51 -3.76 15.18
N SER B 92 -27.51 -3.69 14.29
CA SER B 92 -26.13 -3.38 14.64
C SER B 92 -26.00 -1.90 15.13
N PRO B 93 -24.84 -1.51 15.68
CA PRO B 93 -24.83 -0.21 16.33
C PRO B 93 -25.22 0.97 15.44
N ASN B 94 -26.00 1.92 15.99
CA ASN B 94 -26.49 3.10 15.25
C ASN B 94 -27.36 2.79 14.02
N TYR B 95 -28.05 1.64 14.01
CA TYR B 95 -28.83 1.26 12.84
C TYR B 95 -30.04 2.21 12.78
N LEU B 96 -30.58 2.36 11.59
CA LEU B 96 -31.72 3.28 11.33
C LEU B 96 -32.95 2.42 11.01
N LYS B 97 -34.03 2.68 11.75
CA LYS B 97 -35.29 1.98 11.52
C LYS B 97 -35.83 2.30 10.14
N THR B 98 -35.52 3.52 9.67
CA THR B 98 -36.01 4.04 8.39
C THR B 98 -35.35 3.27 7.22
N TRP B 99 -34.27 2.52 7.54
CA TRP B 99 -33.65 1.76 6.47
C TRP B 99 -34.06 0.29 6.44
N HIS B 100 -35.14 -0.09 7.20
CA HIS B 100 -35.72 -1.45 7.13
C HIS B 100 -37.07 -1.30 6.44
N ILE B 101 -37.07 -1.58 5.16
CA ILE B 101 -38.17 -1.15 4.26
C ILE B 101 -38.94 -2.32 3.67
N GLY B 102 -40.23 -2.37 4.00
CA GLY B 102 -41.09 -3.41 3.43
C GLY B 102 -42.07 -2.77 2.45
N VAL B 103 -42.65 -3.63 1.60
CA VAL B 103 -43.76 -3.30 0.71
C VAL B 103 -44.88 -4.32 0.88
N LYS B 104 -46.09 -3.79 1.03
CA LYS B 104 -47.30 -4.59 1.28
C LYS B 104 -48.28 -4.44 0.13
N TYR B 105 -48.99 -5.53 -0.15
CA TYR B 105 -50.17 -5.55 -0.99
C TYR B 105 -51.32 -5.24 0.00
N ASP B 106 -51.91 -4.05 -0.17
CA ASP B 106 -52.93 -3.47 0.74
C ASP B 106 -54.10 -4.42 1.02
N ALA B 107 -54.65 -4.99 -0.03
CA ALA B 107 -55.87 -5.74 0.05
C ALA B 107 -55.69 -6.90 0.99
N SER B 108 -54.53 -7.56 0.92
CA SER B 108 -54.28 -8.77 1.71
C SER B 108 -53.39 -8.52 2.92
N ASN B 109 -52.85 -7.31 3.05
CA ASN B 109 -51.98 -6.96 4.18
C ASN B 109 -50.71 -7.86 4.31
N LYS B 110 -50.27 -8.38 3.18
CA LYS B 110 -49.15 -9.33 3.16
C LYS B 110 -47.85 -8.63 2.64
N LEU B 111 -46.71 -9.04 3.21
CA LEU B 111 -45.42 -8.47 2.88
C LEU B 111 -44.95 -9.12 1.59
N ILE B 112 -44.80 -8.32 0.54
CA ILE B 112 -44.38 -8.81 -0.80
C ILE B 112 -42.98 -8.38 -1.33
N GLY B 113 -42.41 -7.39 -0.69
CA GLY B 113 -41.02 -6.93 -0.99
C GLY B 113 -40.37 -6.38 0.29
N PHE B 114 -39.03 -6.31 0.23
CA PHE B 114 -38.19 -5.91 1.31
C PHE B 114 -36.82 -5.57 0.77
N ILE B 115 -36.24 -4.60 1.46
CA ILE B 115 -34.82 -4.19 1.32
C ILE B 115 -34.34 -3.54 2.59
N SER B 116 -33.04 -3.76 2.91
CA SER B 116 -32.50 -3.17 4.16
C SER B 116 -31.06 -2.68 3.96
N ALA B 117 -30.65 -1.82 4.89
CA ALA B 117 -29.27 -1.42 5.00
C ALA B 117 -28.90 -1.16 6.47
N ILE B 118 -27.61 -1.30 6.80
CA ILE B 118 -27.09 -0.86 8.07
C ILE B 118 -25.90 0.08 7.76
N PRO B 119 -25.59 1.04 8.65
CA PRO B 119 -24.42 1.94 8.49
C PRO B 119 -23.12 1.24 8.88
N THR B 120 -22.06 1.49 8.15
CA THR B 120 -20.73 0.94 8.52
C THR B 120 -19.66 1.79 7.86
N ASP B 121 -18.48 1.83 8.47
CA ASP B 121 -17.37 2.59 7.92
C ASP B 121 -16.65 1.61 7.05
N ILE B 122 -16.46 1.94 5.77
CA ILE B 122 -15.80 1.07 4.82
C ILE B 122 -14.54 1.73 4.29
N CYS B 123 -13.42 1.04 4.47
CA CYS B 123 -12.13 1.43 3.93
C CYS B 123 -11.90 0.78 2.54
N ILE B 124 -11.86 1.59 1.47
CA ILE B 124 -11.65 1.14 0.11
C ILE B 124 -10.34 1.80 -0.45
N HIS B 125 -9.32 1.00 -0.79
CA HIS B 125 -7.98 1.50 -1.23
CA HIS B 125 -8.03 1.52 -1.28
C HIS B 125 -7.54 2.62 -0.27
N LYS B 126 -7.57 2.28 1.01
CA LYS B 126 -7.14 3.15 2.13
C LYS B 126 -7.86 4.45 2.33
N ARG B 127 -9.02 4.69 1.73
CA ARG B 127 -9.86 5.81 2.11
C ARG B 127 -11.08 5.28 2.86
N THR B 128 -11.36 5.87 4.02
CA THR B 128 -12.49 5.41 4.87
C THR B 128 -13.67 6.35 4.70
N ILE B 129 -14.77 5.74 4.29
CA ILE B 129 -16.02 6.41 3.95
C ILE B 129 -17.25 5.81 4.70
N LYS B 130 -18.12 6.69 5.17
CA LYS B 130 -19.36 6.21 5.83
CA LYS B 130 -19.37 6.24 5.80
C LYS B 130 -20.26 5.68 4.71
N MET B 131 -20.69 4.41 4.87
CA MET B 131 -21.41 3.74 3.84
C MET B 131 -22.67 3.06 4.42
N ALA B 132 -23.62 2.74 3.55
CA ALA B 132 -24.69 1.85 3.95
C ALA B 132 -24.35 0.48 3.37
N GLU B 133 -24.61 -0.61 4.10
CA GLU B 133 -24.41 -1.92 3.60
C GLU B 133 -25.78 -2.49 3.35
N VAL B 134 -26.05 -2.79 2.10
CA VAL B 134 -27.40 -3.21 1.63
C VAL B 134 -27.55 -4.71 1.57
N ASN B 135 -28.63 -5.23 2.12
CA ASN B 135 -28.85 -6.66 2.05
C ASN B 135 -30.35 -6.97 2.08
N PHE B 136 -30.68 -8.23 1.77
CA PHE B 136 -32.03 -8.81 1.91
C PHE B 136 -33.04 -8.24 0.91
N LEU B 137 -32.57 -7.77 -0.24
CA LEU B 137 -33.56 -7.31 -1.28
C LEU B 137 -34.33 -8.52 -1.77
N CYS B 138 -35.65 -8.46 -1.84
CA CYS B 138 -36.45 -9.59 -2.12
C CYS B 138 -37.84 -9.12 -2.55
N VAL B 139 -38.29 -9.67 -3.69
CA VAL B 139 -39.65 -9.39 -4.21
C VAL B 139 -40.27 -10.78 -4.31
N HIS B 140 -41.54 -10.86 -3.90
CA HIS B 140 -42.31 -12.13 -3.91
C HIS B 140 -42.21 -12.83 -5.29
N LYS B 141 -42.12 -14.16 -5.33
CA LYS B 141 -41.95 -14.89 -6.61
C LYS B 141 -43.04 -14.54 -7.68
N THR B 142 -44.24 -14.23 -7.22
CA THR B 142 -45.39 -13.97 -8.09
C THR B 142 -45.40 -12.57 -8.72
N LEU B 143 -44.47 -11.73 -8.29
CA LEU B 143 -44.36 -10.30 -8.68
C LEU B 143 -43.03 -10.01 -9.37
N ARG B 144 -42.38 -11.05 -9.87
CA ARG B 144 -41.03 -10.91 -10.52
C ARG B 144 -41.04 -10.31 -11.93
N SER B 145 -40.00 -9.55 -12.28
CA SER B 145 -39.88 -8.87 -13.54
C SER B 145 -40.92 -7.80 -13.82
N LYS B 146 -41.42 -7.12 -12.78
CA LYS B 146 -42.31 -5.99 -12.92
C LYS B 146 -41.62 -4.68 -12.58
N ARG B 147 -40.28 -4.65 -12.51
CA ARG B 147 -39.59 -3.38 -12.15
C ARG B 147 -39.81 -2.86 -10.72
N LEU B 148 -40.17 -3.74 -9.80
CA LEU B 148 -40.31 -3.35 -8.38
C LEU B 148 -38.96 -3.15 -7.74
N ALA B 149 -38.00 -3.98 -8.13
CA ALA B 149 -36.65 -3.91 -7.48
C ALA B 149 -36.02 -2.52 -7.61
N PRO B 150 -36.08 -1.85 -8.82
CA PRO B 150 -35.55 -0.49 -8.83
C PRO B 150 -36.31 0.49 -7.97
N VAL B 151 -37.60 0.25 -7.76
CA VAL B 151 -38.31 1.13 -6.80
C VAL B 151 -37.72 0.95 -5.40
N LEU B 152 -37.54 -0.31 -4.97
CA LEU B 152 -36.93 -0.56 -3.65
C LEU B 152 -35.54 0.09 -3.51
N ILE B 153 -34.75 0.01 -4.59
CA ILE B 153 -33.37 0.46 -4.51
C ILE B 153 -33.36 2.00 -4.49
N LYS B 154 -34.28 2.61 -5.23
CA LYS B 154 -34.28 4.09 -5.26
C LYS B 154 -34.79 4.67 -3.91
N GLU B 155 -35.76 4.00 -3.28
CA GLU B 155 -36.36 4.47 -2.04
C GLU B 155 -35.35 4.29 -0.89
N ILE B 156 -34.59 3.17 -0.88
CA ILE B 156 -33.57 3.04 0.16
C ILE B 156 -32.44 4.05 -0.10
N THR B 157 -32.13 4.27 -1.36
CA THR B 157 -31.11 5.29 -1.67
C THR B 157 -31.50 6.65 -1.08
N ARG B 158 -32.78 7.02 -1.22
CA ARG B 158 -33.24 8.28 -0.74
C ARG B 158 -33.07 8.34 0.79
N ARG B 159 -33.53 7.31 1.46
CA ARG B 159 -33.52 7.38 2.95
C ARG B 159 -32.10 7.38 3.50
N ILE B 160 -31.20 6.71 2.78
CA ILE B 160 -29.74 6.76 3.13
C ILE B 160 -29.16 8.13 2.89
N ASN B 161 -29.52 8.74 1.76
CA ASN B 161 -29.03 10.09 1.49
C ASN B 161 -29.49 11.10 2.56
N LEU B 162 -30.65 10.86 3.14
CA LEU B 162 -31.20 11.75 4.21
C LEU B 162 -30.40 11.71 5.49
N GLU B 163 -29.50 10.72 5.56
CA GLU B 163 -28.53 10.61 6.65
C GLU B 163 -27.15 11.16 6.21
N ASN B 164 -27.12 11.85 5.09
CA ASN B 164 -25.87 12.37 4.55
C ASN B 164 -24.82 11.30 4.16
N ILE B 165 -25.31 10.17 3.67
CA ILE B 165 -24.48 9.04 3.28
C ILE B 165 -24.74 8.79 1.82
N TRP B 166 -23.69 8.66 1.00
CA TRP B 166 -23.75 8.79 -0.46
C TRP B 166 -23.14 7.57 -1.16
N GLN B 167 -22.57 6.67 -0.34
CA GLN B 167 -21.93 5.47 -0.85
C GLN B 167 -22.53 4.22 -0.16
N ALA B 168 -22.53 3.09 -0.87
CA ALA B 168 -23.06 1.88 -0.29
C ALA B 168 -22.20 0.72 -0.82
N ILE B 169 -22.25 -0.37 -0.09
CA ILE B 169 -21.58 -1.61 -0.46
C ILE B 169 -22.60 -2.71 -0.46
N TYR B 170 -22.54 -3.60 -1.45
CA TYR B 170 -23.53 -4.66 -1.62
C TYR B 170 -22.95 -5.79 -2.37
N THR B 171 -23.55 -6.97 -2.28
CA THR B 171 -23.04 -8.16 -2.98
C THR B 171 -24.16 -8.85 -3.76
N ALA B 172 -23.82 -9.59 -4.81
CA ALA B 172 -24.86 -10.31 -5.56
C ALA B 172 -24.21 -11.40 -6.31
N GLY B 173 -24.91 -12.53 -6.51
CA GLY B 173 -24.43 -13.62 -7.29
C GLY B 173 -24.60 -13.26 -8.74
N VAL B 174 -25.51 -12.33 -9.05
CA VAL B 174 -25.67 -11.91 -10.44
C VAL B 174 -24.67 -10.81 -10.83
N TYR B 175 -24.32 -10.83 -12.09
CA TYR B 175 -23.48 -9.81 -12.69
C TYR B 175 -24.24 -8.53 -13.05
N LEU B 176 -23.81 -7.43 -12.46
CA LEU B 176 -24.37 -6.09 -12.57
C LEU B 176 -23.25 -5.10 -12.74
N PRO B 177 -23.52 -3.94 -13.35
CA PRO B 177 -22.43 -2.94 -13.45
C PRO B 177 -22.03 -2.27 -12.09
N LYS B 178 -20.77 -2.33 -11.69
CA LYS B 178 -19.75 -3.25 -12.16
C LYS B 178 -18.99 -3.77 -10.91
N PRO B 179 -18.63 -5.10 -10.88
CA PRO B 179 -17.89 -5.54 -9.65
C PRO B 179 -16.53 -4.92 -9.40
N VAL B 180 -16.30 -4.61 -8.15
CA VAL B 180 -14.96 -4.26 -7.73
C VAL B 180 -14.16 -5.50 -7.49
N SER B 181 -14.83 -6.63 -7.26
CA SER B 181 -14.10 -7.90 -7.04
C SER B 181 -15.13 -9.03 -7.21
N ASP B 182 -14.69 -10.27 -7.36
CA ASP B 182 -15.61 -11.37 -7.68
C ASP B 182 -14.96 -12.64 -7.06
N ALA B 183 -15.69 -13.32 -6.19
CA ALA B 183 -15.06 -14.30 -5.27
C ALA B 183 -15.89 -15.57 -5.38
N ARG B 184 -15.27 -16.64 -5.90
CA ARG B 184 -15.95 -17.93 -5.96
C ARG B 184 -16.13 -18.50 -4.54
N TYR B 185 -17.17 -19.31 -4.32
CA TYR B 185 -17.39 -20.02 -3.04
C TYR B 185 -16.97 -21.48 -3.16
N TYR B 186 -16.42 -22.00 -2.07
CA TYR B 186 -15.92 -23.40 -1.96
C TYR B 186 -16.63 -23.95 -0.77
N HIS B 187 -16.79 -25.27 -0.76
CA HIS B 187 -17.65 -26.01 0.16
C HIS B 187 -16.83 -27.11 0.76
N ARG B 188 -16.75 -27.14 2.08
CA ARG B 188 -16.08 -28.28 2.70
C ARG B 188 -17.10 -29.26 3.36
N SER B 189 -17.25 -30.43 2.78
CA SER B 189 -18.20 -31.39 3.33
C SER B 189 -17.84 -31.82 4.70
N ILE B 190 -18.85 -31.89 5.55
CA ILE B 190 -18.72 -32.39 6.91
C ILE B 190 -19.61 -33.66 7.06
N ASN B 191 -20.94 -33.51 6.87
CA ASN B 191 -21.87 -34.62 6.84
C ASN B 191 -22.06 -35.12 5.42
N VAL B 192 -21.06 -35.90 4.96
CA VAL B 192 -20.90 -36.35 3.57
C VAL B 192 -22.17 -37.04 3.00
N LYS B 193 -22.63 -38.08 3.70
CA LYS B 193 -23.75 -38.86 3.28
C LYS B 193 -24.99 -38.04 2.97
N LYS B 194 -25.30 -37.13 3.89
CA LYS B 194 -26.44 -36.29 3.71
C LYS B 194 -26.23 -35.43 2.47
N LEU B 195 -25.03 -34.88 2.28
CA LEU B 195 -24.71 -34.02 1.17
C LEU B 195 -24.87 -34.73 -0.18
N ILE B 196 -24.51 -36.00 -0.19
CA ILE B 196 -24.78 -36.89 -1.39
C ILE B 196 -26.28 -37.14 -1.64
N GLU B 197 -26.96 -37.52 -0.55
CA GLU B 197 -28.36 -37.87 -0.60
C GLU B 197 -29.19 -36.73 -1.13
N ILE B 198 -28.77 -35.49 -0.85
CA ILE B 198 -29.51 -34.29 -1.23
C ILE B 198 -29.04 -33.78 -2.57
N GLY B 199 -28.00 -34.41 -3.09
CA GLY B 199 -27.39 -34.01 -4.39
C GLY B 199 -26.57 -32.70 -4.37
N PHE B 200 -26.18 -32.22 -3.19
CA PHE B 200 -25.23 -31.11 -3.09
C PHE B 200 -23.87 -31.70 -3.52
N SER B 201 -23.47 -32.91 -3.04
CA SER B 201 -22.19 -33.48 -3.49
C SER B 201 -22.48 -34.62 -4.40
N SER B 202 -21.41 -35.12 -5.02
CA SER B 202 -21.39 -36.30 -5.91
C SER B 202 -20.36 -37.45 -5.51
N LEU B 203 -20.69 -38.71 -5.80
CA LEU B 203 -19.73 -39.85 -5.76
C LEU B 203 -19.26 -40.20 -7.18
N ASN B 204 -18.42 -41.22 -7.29
CA ASN B 204 -18.11 -41.91 -8.57
C ASN B 204 -17.47 -43.28 -8.37
N SER B 205 -17.14 -43.97 -9.46
CA SER B 205 -16.70 -45.36 -9.35
C SER B 205 -15.45 -45.44 -8.51
N ARG B 206 -14.67 -44.37 -8.56
CA ARG B 206 -13.46 -44.21 -7.76
C ARG B 206 -13.69 -43.53 -6.40
N LEU B 207 -14.87 -42.92 -6.22
CA LEU B 207 -15.29 -42.44 -4.90
C LEU B 207 -16.63 -43.09 -4.51
N THR B 208 -16.56 -44.18 -3.74
CA THR B 208 -17.72 -44.85 -3.19
C THR B 208 -18.17 -44.13 -1.95
N MET B 209 -19.36 -44.49 -1.49
CA MET B 209 -19.86 -43.88 -0.26
C MET B 209 -18.89 -44.00 0.94
N SER B 210 -18.42 -45.24 1.22
CA SER B 210 -17.47 -45.41 2.32
C SER B 210 -16.21 -44.57 2.11
N ARG B 211 -15.68 -44.56 0.91
CA ARG B 211 -14.50 -43.76 0.65
CA ARG B 211 -14.48 -43.78 0.66
C ARG B 211 -14.71 -42.27 0.83
N ALA B 212 -15.92 -41.80 0.47
CA ALA B 212 -16.23 -40.36 0.63
C ALA B 212 -16.30 -39.95 2.13
N ILE B 213 -16.95 -40.81 2.90
CA ILE B 213 -16.94 -40.65 4.30
C ILE B 213 -15.52 -40.64 4.88
N LYS B 214 -14.69 -41.56 4.44
CA LYS B 214 -13.33 -41.59 4.97
C LYS B 214 -12.52 -40.40 4.50
N LEU B 215 -12.75 -40.00 3.26
CA LEU B 215 -12.07 -38.81 2.76
C LEU B 215 -12.35 -37.57 3.65
N TYR B 216 -13.57 -37.40 4.14
CA TYR B 216 -13.88 -36.15 4.88
C TYR B 216 -13.90 -36.31 6.38
N ARG B 217 -13.50 -37.46 6.92
CA ARG B 217 -13.40 -37.65 8.40
C ARG B 217 -12.47 -36.60 9.03
N VAL B 218 -12.82 -36.10 10.18
CA VAL B 218 -11.87 -35.19 10.89
C VAL B 218 -11.58 -35.68 12.32
N GLU B 219 -10.35 -35.53 12.77
CA GLU B 219 -9.98 -35.79 14.12
C GLU B 219 -10.67 -34.74 15.07
N ASP B 220 -11.37 -35.24 16.11
CA ASP B 220 -12.04 -34.40 17.10
C ASP B 220 -11.02 -33.81 18.11
N THR B 221 -9.89 -33.34 17.58
CA THR B 221 -8.97 -32.65 18.51
C THR B 221 -8.47 -31.35 17.87
N LEU B 222 -8.48 -30.27 18.61
CA LEU B 222 -8.04 -28.99 18.07
C LEU B 222 -6.55 -28.86 17.94
N ASN B 223 -6.11 -28.16 16.90
CA ASN B 223 -4.69 -27.76 16.74
C ASN B 223 -4.26 -26.74 17.74
N ILE B 224 -5.17 -25.80 18.01
CA ILE B 224 -4.98 -24.78 19.03
C ILE B 224 -5.89 -25.13 20.15
N LYS B 225 -5.30 -25.82 21.13
CA LYS B 225 -6.06 -26.47 22.20
C LYS B 225 -7.02 -25.58 23.02
N ASN B 226 -6.66 -24.30 23.27
CA ASN B 226 -7.44 -23.49 24.19
C ASN B 226 -8.43 -22.61 23.46
N MET B 227 -8.63 -22.89 22.18
CA MET B 227 -9.66 -22.19 21.42
C MET B 227 -11.04 -22.33 22.13
N ARG B 228 -11.67 -21.19 22.43
CA ARG B 228 -12.85 -21.23 23.23
C ARG B 228 -13.84 -20.12 22.76
N LEU B 229 -15.12 -20.27 23.07
CA LEU B 229 -16.07 -19.22 22.70
C LEU B 229 -15.67 -17.90 23.32
N MET B 230 -15.93 -16.86 22.53
CA MET B 230 -15.57 -15.56 22.92
C MET B 230 -16.58 -15.03 23.98
N LYS B 231 -16.07 -14.18 24.84
CA LYS B 231 -16.79 -13.68 25.97
C LYS B 231 -16.64 -12.18 26.00
N LYS B 232 -17.53 -11.52 26.72
CA LYS B 232 -17.50 -10.04 26.79
C LYS B 232 -16.10 -9.47 27.10
N LYS B 233 -15.35 -10.03 28.04
CA LYS B 233 -13.99 -9.51 28.37
C LYS B 233 -13.06 -9.56 27.17
N ASP B 234 -13.35 -10.39 26.17
CA ASP B 234 -12.51 -10.51 24.98
C ASP B 234 -12.65 -9.41 23.94
N VAL B 235 -13.63 -8.52 24.11
CA VAL B 235 -13.97 -7.60 23.01
C VAL B 235 -12.79 -6.77 22.53
N GLU B 236 -12.04 -6.22 23.51
CA GLU B 236 -10.97 -5.31 23.20
C GLU B 236 -9.84 -6.09 22.43
N GLY B 237 -9.55 -7.30 22.88
CA GLY B 237 -8.48 -8.02 22.24
C GLY B 237 -8.82 -8.46 20.83
N VAL B 238 -10.09 -8.77 20.58
CA VAL B 238 -10.55 -9.14 19.21
C VAL B 238 -10.54 -7.86 18.35
N HIS B 239 -10.96 -6.74 18.91
CA HIS B 239 -10.82 -5.44 18.22
C HIS B 239 -9.39 -5.13 17.72
N LYS B 240 -8.39 -5.38 18.55
CA LYS B 240 -7.04 -5.06 18.09
C LYS B 240 -6.62 -6.12 17.13
N LEU B 241 -6.88 -7.36 17.49
CA LEU B 241 -6.40 -8.45 16.66
C LEU B 241 -6.97 -8.28 15.20
N LEU B 242 -8.30 -8.15 15.07
CA LEU B 242 -8.98 -8.15 13.79
C LEU B 242 -8.72 -6.83 13.14
N GLY B 243 -8.78 -5.75 13.91
CA GLY B 243 -8.54 -4.40 13.34
C GLY B 243 -7.14 -4.26 12.74
N SER B 244 -6.11 -4.65 13.49
CA SER B 244 -4.76 -4.83 12.93
C SER B 244 -4.66 -5.60 11.59
N TYR B 245 -5.20 -6.82 11.60
CA TYR B 245 -5.24 -7.74 10.45
C TYR B 245 -5.90 -7.20 9.18
N LEU B 246 -7.03 -6.47 9.33
CA LEU B 246 -7.82 -6.14 8.17
C LEU B 246 -7.16 -5.02 7.34
N GLU B 247 -6.32 -4.22 8.01
CA GLU B 247 -5.64 -3.08 7.32
C GLU B 247 -4.88 -3.49 6.09
N GLN B 248 -4.52 -4.75 5.94
CA GLN B 248 -3.76 -5.05 4.79
C GLN B 248 -4.59 -5.12 3.48
N PHE B 249 -5.91 -5.16 3.60
CA PHE B 249 -6.81 -5.41 2.46
C PHE B 249 -7.23 -4.15 1.75
N ASN B 250 -7.69 -4.32 0.50
CA ASN B 250 -8.14 -3.22 -0.34
CA ASN B 250 -8.13 -3.23 -0.34
C ASN B 250 -9.56 -2.79 -0.03
N LEU B 251 -10.30 -3.66 0.67
CA LEU B 251 -11.71 -3.38 1.02
C LEU B 251 -12.04 -4.03 2.34
N TYR B 252 -12.38 -3.24 3.36
CA TYR B 252 -12.72 -3.82 4.64
C TYR B 252 -13.55 -2.87 5.46
N ALA B 253 -14.30 -3.40 6.42
CA ALA B 253 -15.04 -2.59 7.39
C ALA B 253 -14.14 -2.10 8.51
N VAL B 254 -14.38 -0.89 8.99
CA VAL B 254 -13.48 -0.47 10.02
C VAL B 254 -14.38 -0.60 11.24
N PHE B 255 -14.10 -1.59 12.08
CA PHE B 255 -14.98 -1.90 13.20
C PHE B 255 -14.64 -1.09 14.44
N THR B 256 -15.67 -0.58 15.11
CA THR B 256 -15.49 0.01 16.46
C THR B 256 -15.55 -1.08 17.52
N LYS B 257 -15.18 -0.75 18.76
CA LYS B 257 -15.39 -1.66 19.90
C LYS B 257 -16.82 -2.19 19.94
N GLU B 258 -17.77 -1.25 19.85
CA GLU B 258 -19.19 -1.54 19.95
C GLU B 258 -19.58 -2.50 18.83
N GLU B 259 -19.12 -2.25 17.61
CA GLU B 259 -19.39 -3.16 16.49
C GLU B 259 -18.70 -4.51 16.67
N ILE B 260 -17.49 -4.53 17.17
CA ILE B 260 -16.91 -5.86 17.48
C ILE B 260 -17.81 -6.69 18.43
N ALA B 261 -18.23 -6.07 19.54
CA ALA B 261 -19.14 -6.71 20.50
C ALA B 261 -20.39 -7.27 19.73
N HIS B 262 -21.03 -6.40 18.91
CA HIS B 262 -22.23 -6.79 18.22
C HIS B 262 -21.98 -7.93 17.21
N TRP B 263 -20.87 -7.90 16.47
CA TRP B 263 -20.78 -8.76 15.27
C TRP B 263 -20.17 -10.07 15.65
N PHE B 264 -19.46 -10.10 16.81
CA PHE B 264 -18.75 -11.36 17.25
C PHE B 264 -19.18 -12.14 18.49
N LEU B 265 -19.83 -11.48 19.47
CA LEU B 265 -20.23 -12.19 20.67
C LEU B 265 -21.18 -13.27 20.28
N PRO B 266 -20.94 -14.52 20.79
CA PRO B 266 -21.68 -15.68 20.24
C PRO B 266 -23.19 -15.57 20.51
N ILE B 267 -24.00 -16.02 19.57
CA ILE B 267 -25.44 -16.18 19.75
C ILE B 267 -25.74 -17.51 19.07
N GLU B 268 -26.17 -18.48 19.87
CA GLU B 268 -26.57 -19.84 19.37
C GLU B 268 -27.33 -19.77 18.09
N ASN B 269 -26.93 -20.61 17.13
CA ASN B 269 -27.57 -20.69 15.81
C ASN B 269 -27.52 -19.45 14.96
N VAL B 270 -26.62 -18.53 15.31
CA VAL B 270 -26.49 -17.31 14.51
C VAL B 270 -25.00 -17.02 14.18
N ILE B 271 -24.25 -16.69 15.24
CA ILE B 271 -22.84 -16.32 15.12
C ILE B 271 -22.01 -17.07 16.15
N TYR B 272 -20.92 -17.65 15.68
CA TYR B 272 -20.02 -18.50 16.56
C TYR B 272 -18.67 -17.83 16.48
N THR B 273 -18.14 -17.38 17.61
CA THR B 273 -16.77 -16.88 17.57
C THR B 273 -15.93 -17.59 18.62
N TYR B 274 -14.71 -17.98 18.26
CA TYR B 274 -13.80 -18.65 19.21
C TYR B 274 -12.49 -17.92 19.28
N VAL B 275 -11.97 -17.76 20.51
CA VAL B 275 -10.67 -17.09 20.66
C VAL B 275 -9.66 -18.04 21.36
N ASN B 276 -8.40 -17.73 21.11
CA ASN B 276 -7.23 -18.23 21.86
C ASN B 276 -6.59 -17.13 22.65
N GLU B 277 -6.68 -17.17 23.97
CA GLU B 277 -6.11 -16.14 24.85
C GLU B 277 -4.79 -16.74 25.44
N GLU B 278 -3.64 -16.10 25.26
CA GLU B 278 -2.38 -16.50 26.03
C GLU B 278 -1.84 -15.23 26.66
N ASN B 279 -1.54 -15.22 27.97
CA ASN B 279 -1.04 -14.01 28.67
C ASN B 279 -2.09 -12.92 28.73
N GLY B 280 -3.35 -13.29 28.64
CA GLY B 280 -4.39 -12.26 28.52
C GLY B 280 -4.36 -11.44 27.24
N LYS B 281 -3.78 -12.00 26.17
CA LYS B 281 -3.80 -11.37 24.87
CA LYS B 281 -3.81 -11.39 24.88
C LYS B 281 -4.49 -12.33 23.92
N ILE B 282 -5.43 -11.82 23.12
CA ILE B 282 -6.10 -12.68 22.16
C ILE B 282 -5.23 -12.75 20.92
N LYS B 283 -4.77 -13.95 20.62
CA LYS B 283 -3.83 -14.15 19.56
C LYS B 283 -4.37 -14.80 18.31
N ASP B 284 -5.52 -15.48 18.40
CA ASP B 284 -6.07 -16.16 17.25
C ASP B 284 -7.59 -16.07 17.41
N MET B 285 -8.32 -16.09 16.30
CA MET B 285 -9.81 -16.08 16.31
C MET B 285 -10.26 -16.86 15.12
N ILE B 286 -11.44 -17.50 15.31
CA ILE B 286 -12.19 -18.26 14.30
C ILE B 286 -13.61 -17.74 14.43
N SER B 287 -14.26 -17.36 13.31
CA SER B 287 -15.71 -17.02 13.37
C SER B 287 -16.47 -17.52 12.13
N PHE B 288 -17.73 -17.93 12.33
CA PHE B 288 -18.58 -18.28 11.22
C PHE B 288 -19.98 -18.06 11.66
N TYR B 289 -20.87 -17.85 10.70
CA TYR B 289 -22.26 -17.63 11.01
C TYR B 289 -23.09 -18.76 10.42
N SER B 290 -24.30 -18.89 10.99
CA SER B 290 -25.16 -19.97 10.59
C SER B 290 -26.16 -19.48 9.54
N LEU B 291 -26.11 -20.11 8.36
CA LEU B 291 -27.11 -19.75 7.33
C LEU B 291 -27.63 -21.03 6.69
N PRO B 292 -28.74 -21.54 7.20
CA PRO B 292 -29.30 -22.77 6.68
C PRO B 292 -29.94 -22.56 5.30
N SER B 293 -29.94 -23.63 4.55
CA SER B 293 -30.73 -23.60 3.32
C SER B 293 -31.90 -24.51 3.43
N GLN B 294 -33.09 -24.04 3.06
CA GLN B 294 -34.14 -24.99 2.89
C GLN B 294 -33.90 -25.86 1.63
N ILE B 295 -34.09 -27.15 1.83
CA ILE B 295 -33.94 -28.15 0.78
C ILE B 295 -35.29 -28.42 0.09
N LEU B 296 -35.37 -28.13 -1.19
CA LEU B 296 -36.68 -28.15 -1.85
C LEU B 296 -37.01 -29.53 -2.44
N GLY B 297 -38.18 -30.07 -2.10
CA GLY B 297 -38.64 -31.35 -2.65
C GLY B 297 -37.86 -32.60 -2.29
N ASN B 298 -37.39 -32.72 -1.04
CA ASN B 298 -36.73 -33.94 -0.58
C ASN B 298 -37.56 -34.50 0.55
N ASP B 299 -38.03 -35.75 0.42
CA ASP B 299 -38.88 -36.32 1.48
C ASP B 299 -38.08 -36.55 2.76
N LYS B 300 -36.77 -36.78 2.68
CA LYS B 300 -35.98 -37.11 3.89
C LYS B 300 -35.42 -35.93 4.69
N TYR B 301 -34.86 -34.92 4.02
CA TYR B 301 -34.26 -33.81 4.74
C TYR B 301 -34.91 -32.54 4.19
N SER B 302 -35.28 -31.65 5.11
CA SER B 302 -35.84 -30.33 4.73
C SER B 302 -34.84 -29.18 4.92
N THR B 303 -33.75 -29.37 5.66
CA THR B 303 -32.84 -28.26 6.00
C THR B 303 -31.42 -28.75 5.84
N LEU B 304 -30.58 -27.93 5.23
CA LEU B 304 -29.14 -28.14 5.19
C LEU B 304 -28.56 -27.12 6.17
N ASN B 305 -27.84 -27.57 7.21
CA ASN B 305 -27.20 -26.66 8.15
C ASN B 305 -25.82 -26.31 7.68
N ALA B 306 -25.52 -25.02 7.53
CA ALA B 306 -24.28 -24.61 6.88
C ALA B 306 -23.61 -23.46 7.70
N ALA B 307 -22.29 -23.60 7.92
CA ALA B 307 -21.47 -22.58 8.60
C ALA B 307 -20.80 -21.84 7.45
N TYR B 308 -20.82 -20.54 7.52
CA TYR B 308 -20.15 -19.61 6.61
C TYR B 308 -19.01 -18.96 7.33
N SER B 309 -17.81 -19.32 6.91
CA SER B 309 -16.61 -18.63 7.29
C SER B 309 -16.76 -17.10 7.24
N PHE B 310 -16.45 -16.47 8.38
CA PHE B 310 -16.63 -15.02 8.53
C PHE B 310 -15.24 -14.37 8.65
N TYR B 311 -14.70 -14.17 9.87
CA TYR B 311 -13.33 -13.66 10.02
C TYR B 311 -12.43 -14.53 10.89
N ASN B 312 -11.27 -14.86 10.32
CA ASN B 312 -10.33 -15.82 10.87
C ASN B 312 -8.90 -15.26 10.85
N VAL B 313 -8.27 -15.18 12.02
CA VAL B 313 -6.92 -14.63 12.18
C VAL B 313 -6.05 -15.55 13.06
N THR B 314 -4.83 -15.86 12.60
CA THR B 314 -3.93 -16.60 13.43
C THR B 314 -2.60 -15.92 13.50
N THR B 315 -2.12 -15.78 14.72
CA THR B 315 -0.69 -15.42 14.92
C THR B 315 0.11 -16.52 15.62
N THR B 316 -0.54 -17.57 16.11
CA THR B 316 0.23 -18.65 16.81
C THR B 316 0.29 -19.97 16.08
N ALA B 317 -0.41 -20.09 14.99
CA ALA B 317 -0.39 -21.34 14.18
C ALA B 317 -0.28 -21.01 12.72
N THR B 318 -0.40 -22.00 11.86
CA THR B 318 -0.51 -21.77 10.44
C THR B 318 -2.01 -21.43 10.06
N PHE B 319 -2.21 -20.64 9.00
CA PHE B 319 -3.58 -20.49 8.47
C PHE B 319 -4.32 -21.81 8.16
N LYS B 320 -3.67 -22.79 7.52
CA LYS B 320 -4.22 -24.12 7.42
C LYS B 320 -4.61 -24.74 8.79
N GLN B 321 -3.76 -24.68 9.82
CA GLN B 321 -4.15 -25.26 11.16
C GLN B 321 -5.34 -24.53 11.70
N LEU B 322 -5.39 -23.21 11.49
CA LEU B 322 -6.47 -22.44 12.03
C LEU B 322 -7.81 -22.84 11.41
N MET B 323 -7.84 -22.99 10.07
CA MET B 323 -9.09 -23.32 9.35
C MET B 323 -9.50 -24.75 9.55
N GLN B 324 -8.53 -25.60 9.88
CA GLN B 324 -8.82 -26.98 10.12
C GLN B 324 -9.53 -26.94 11.49
N ASP B 325 -9.10 -26.07 12.39
CA ASP B 325 -9.86 -25.92 13.62
C ASP B 325 -11.26 -25.37 13.40
N ALA B 326 -11.41 -24.39 12.49
CA ALA B 326 -12.73 -23.87 12.19
C ALA B 326 -13.71 -24.93 11.73
N ILE B 327 -13.27 -25.74 10.76
CA ILE B 327 -14.03 -26.89 10.27
C ILE B 327 -14.45 -27.82 11.43
N LEU B 328 -13.52 -28.18 12.34
CA LEU B 328 -13.90 -29.01 13.51
C LEU B 328 -14.92 -28.34 14.43
N LEU B 329 -14.71 -27.09 14.76
CA LEU B 329 -15.66 -26.36 15.56
C LEU B 329 -17.03 -26.29 14.86
N ALA B 330 -17.06 -26.04 13.56
CA ALA B 330 -18.37 -26.20 12.86
C ALA B 330 -18.98 -27.65 13.02
N LYS B 331 -18.19 -28.71 12.85
CA LYS B 331 -18.67 -30.06 13.04
C LYS B 331 -19.21 -30.21 14.48
N ARG B 332 -18.52 -29.67 15.46
CA ARG B 332 -18.91 -29.82 16.87
C ARG B 332 -20.23 -29.16 17.12
N ASN B 333 -20.57 -28.18 16.27
CA ASN B 333 -21.81 -27.43 16.34
C ASN B 333 -22.90 -27.90 15.41
N ASN B 334 -22.72 -29.12 14.88
CA ASN B 334 -23.76 -29.87 14.11
C ASN B 334 -23.99 -29.29 12.74
N PHE B 335 -22.99 -28.60 12.15
CA PHE B 335 -23.18 -28.12 10.77
C PHE B 335 -22.79 -29.22 9.82
N ASP B 336 -23.49 -29.21 8.70
CA ASP B 336 -23.34 -30.25 7.74
C ASP B 336 -22.30 -29.89 6.77
N VAL B 337 -22.09 -28.57 6.56
CA VAL B 337 -21.11 -28.15 5.55
C VAL B 337 -20.49 -26.84 6.04
N PHE B 338 -19.27 -26.57 5.59
CA PHE B 338 -18.57 -25.34 5.99
C PHE B 338 -18.20 -24.70 4.66
N ASN B 339 -18.73 -23.48 4.45
CA ASN B 339 -18.60 -22.72 3.23
C ASN B 339 -17.67 -21.55 3.36
N ALA B 340 -16.84 -21.29 2.35
CA ALA B 340 -16.00 -20.08 2.37
C ALA B 340 -15.87 -19.50 0.97
N LEU B 341 -15.66 -18.18 0.90
CA LEU B 341 -15.27 -17.42 -0.24
C LEU B 341 -13.72 -17.35 -0.38
N GLU B 342 -13.23 -17.34 -1.62
CA GLU B 342 -11.78 -17.17 -1.86
C GLU B 342 -11.34 -15.73 -1.55
N VAL B 343 -11.81 -15.20 -0.42
CA VAL B 343 -11.37 -13.91 0.02
C VAL B 343 -10.27 -14.01 1.08
N MET B 344 -9.56 -12.91 1.30
CA MET B 344 -8.49 -12.88 2.36
C MET B 344 -7.46 -13.93 2.03
N GLN B 345 -7.06 -14.76 3.03
CA GLN B 345 -6.07 -15.85 2.81
C GLN B 345 -6.73 -17.18 2.54
N ASN B 346 -8.03 -17.19 2.30
CA ASN B 346 -8.77 -18.44 2.27
C ASN B 346 -8.32 -19.35 1.14
N LYS B 347 -7.98 -18.82 -0.04
CA LYS B 347 -7.82 -19.73 -1.16
C LYS B 347 -6.66 -20.67 -0.96
N SER B 348 -5.64 -20.22 -0.22
CA SER B 348 -4.42 -21.04 0.00
C SER B 348 -4.68 -22.34 0.81
N VAL B 349 -5.80 -22.48 1.52
CA VAL B 349 -6.02 -23.68 2.32
C VAL B 349 -7.00 -24.61 1.62
N PHE B 350 -7.62 -24.16 0.57
CA PHE B 350 -8.76 -24.92 0.01
C PHE B 350 -8.37 -26.33 -0.46
N GLU B 351 -7.29 -26.47 -1.23
CA GLU B 351 -6.97 -27.77 -1.81
C GLU B 351 -6.61 -28.71 -0.65
N ASP B 352 -5.72 -28.28 0.26
CA ASP B 352 -5.28 -29.13 1.39
C ASP B 352 -6.34 -29.52 2.40
N LEU B 353 -7.31 -28.63 2.59
CA LEU B 353 -8.38 -28.92 3.57
C LEU B 353 -9.65 -29.56 2.89
N LYS B 354 -9.51 -29.97 1.62
CA LYS B 354 -10.49 -30.71 0.84
C LYS B 354 -11.76 -29.97 0.55
N PHE B 355 -11.67 -28.64 0.48
CA PHE B 355 -12.76 -27.83 -0.02
C PHE B 355 -13.00 -28.16 -1.51
N GLY B 356 -14.24 -28.18 -1.96
CA GLY B 356 -14.51 -28.36 -3.39
C GLY B 356 -15.02 -27.04 -3.96
N GLU B 357 -14.67 -26.78 -5.20
CA GLU B 357 -15.13 -25.53 -5.84
C GLU B 357 -16.62 -25.63 -6.11
N GLY B 358 -17.38 -24.63 -5.70
CA GLY B 358 -18.78 -24.44 -6.09
C GLY B 358 -19.09 -24.05 -7.54
N ASP B 359 -20.35 -23.70 -7.72
CA ASP B 359 -21.03 -23.43 -8.98
C ASP B 359 -20.93 -22.02 -9.49
N GLY B 360 -20.45 -21.12 -8.66
CA GLY B 360 -20.64 -19.73 -9.06
C GLY B 360 -19.95 -18.78 -8.13
N SER B 361 -20.27 -17.51 -8.20
CA SER B 361 -19.40 -16.56 -7.46
C SER B 361 -20.17 -15.42 -6.85
N LEU B 362 -19.59 -14.77 -5.86
CA LEU B 362 -20.22 -13.57 -5.15
C LEU B 362 -19.47 -12.36 -5.65
N LYS B 363 -20.16 -11.50 -6.42
CA LYS B 363 -19.61 -10.23 -6.91
C LYS B 363 -19.75 -9.15 -5.80
N TYR B 364 -18.72 -8.39 -5.61
CA TYR B 364 -18.74 -7.30 -4.62
C TYR B 364 -18.87 -5.96 -5.37
N TYR B 365 -19.71 -5.01 -4.84
CA TYR B 365 -20.04 -3.82 -5.56
C TYR B 365 -20.00 -2.66 -4.60
N LEU B 366 -19.63 -1.51 -5.15
CA LEU B 366 -19.80 -0.24 -4.49
C LEU B 366 -20.78 0.68 -5.27
N TYR B 367 -21.53 1.48 -4.55
CA TYR B 367 -22.37 2.47 -5.18
C TYR B 367 -21.81 3.85 -4.97
N ASN B 368 -21.82 4.60 -6.09
CA ASN B 368 -21.23 5.92 -6.17
C ASN B 368 -19.78 5.99 -5.71
N TRP B 369 -19.02 5.09 -6.26
CA TRP B 369 -17.60 5.10 -6.05
C TRP B 369 -16.90 4.57 -7.27
N LYS B 370 -15.82 5.22 -7.63
CA LYS B 370 -15.01 4.86 -8.79
C LYS B 370 -13.64 4.37 -8.28
N CYS B 371 -13.18 3.22 -8.70
CA CYS B 371 -11.86 2.66 -8.28
C CYS B 371 -11.40 1.47 -9.13
N ALA B 372 -10.11 1.22 -9.10
CA ALA B 372 -9.58 -0.02 -9.66
C ALA B 372 -10.25 -1.23 -9.00
N SER B 373 -10.52 -2.23 -9.80
CA SER B 373 -11.01 -3.55 -9.35
C SER B 373 -9.82 -4.40 -8.97
N PHE B 374 -10.06 -5.54 -8.31
CA PHE B 374 -8.96 -6.22 -7.70
C PHE B 374 -9.34 -7.67 -7.43
N ALA B 375 -8.33 -8.52 -7.35
CA ALA B 375 -8.55 -9.96 -7.10
C ALA B 375 -9.12 -10.14 -5.71
N PRO B 376 -9.95 -11.20 -5.50
CA PRO B 376 -10.64 -11.38 -4.20
C PRO B 376 -9.70 -11.62 -3.00
N ALA B 377 -8.42 -12.04 -3.19
CA ALA B 377 -7.53 -12.12 -2.03
C ALA B 377 -7.29 -10.77 -1.34
N HIS B 378 -7.55 -9.70 -2.12
CA HIS B 378 -7.45 -8.37 -1.64
C HIS B 378 -8.79 -7.93 -0.99
N VAL B 379 -9.87 -8.76 -1.10
CA VAL B 379 -11.11 -8.40 -0.32
C VAL B 379 -11.04 -8.80 1.14
N GLY B 380 -11.35 -7.89 2.07
CA GLY B 380 -11.24 -8.11 3.50
C GLY B 380 -12.56 -7.97 4.23
N ILE B 381 -13.65 -8.21 3.52
CA ILE B 381 -15.05 -8.03 4.04
C ILE B 381 -15.91 -9.21 3.59
N VAL B 382 -16.61 -9.80 4.55
CA VAL B 382 -17.57 -10.83 4.27
C VAL B 382 -18.91 -10.31 4.70
N LEU B 383 -19.85 -10.25 3.78
CA LEU B 383 -21.19 -9.80 4.12
C LEU B 383 -22.06 -10.97 4.58
N LEU B 384 -23.27 -10.66 5.04
CA LEU B 384 -24.14 -11.66 5.70
C LEU B 384 -25.11 -12.26 4.72
N ASP C 1 31.64 14.65 10.80
CA ASP C 1 30.51 13.87 11.39
C ASP C 1 29.69 14.73 12.37
N TYR C 2 28.65 14.15 12.92
CA TYR C 2 27.67 14.85 13.74
C TYR C 2 27.49 14.06 15.01
N LYS C 3 28.40 14.28 15.93
CA LYS C 3 28.48 13.41 17.09
C LYS C 3 27.24 13.51 17.99
N PHE C 4 26.60 14.70 18.02
CA PHE C 4 25.32 14.80 18.71
C PHE C 4 24.14 14.36 17.84
N TRP C 5 24.05 14.84 16.61
CA TRP C 5 22.92 14.38 15.75
C TRP C 5 22.78 12.88 15.53
N TYR C 6 23.90 12.17 15.38
CA TYR C 6 24.01 10.68 15.17
CA TYR C 6 23.79 10.74 15.03
C TYR C 6 23.30 9.89 16.27
N THR C 7 23.19 10.53 17.44
CA THR C 7 22.62 9.98 18.61
C THR C 7 21.07 10.14 18.66
N GLN C 8 20.51 10.91 17.73
CA GLN C 8 19.13 11.33 17.77
C GLN C 8 18.29 10.58 16.72
N PRO C 9 16.96 10.48 16.95
CA PRO C 9 16.13 9.86 15.91
C PRO C 9 15.84 10.80 14.69
N VAL C 10 16.83 10.87 13.79
CA VAL C 10 16.84 11.69 12.54
C VAL C 10 17.57 10.92 11.48
N PRO C 11 17.38 11.24 10.18
CA PRO C 11 18.12 10.42 9.18
C PRO C 11 19.63 10.63 9.27
N LYS C 12 20.42 9.67 8.79
CA LYS C 12 21.89 9.87 8.73
C LYS C 12 22.13 10.74 7.51
N ILE C 13 23.31 11.36 7.43
CA ILE C 13 23.59 12.32 6.36
C ILE C 13 23.40 11.80 4.94
N ASN C 14 23.58 10.50 4.72
CA ASN C 14 23.39 9.94 3.38
C ASN C 14 22.09 9.17 3.14
N ASP C 15 21.23 9.08 4.16
CA ASP C 15 19.91 8.43 3.96
C ASP C 15 18.99 8.99 2.84
N GLU C 16 18.35 8.12 2.06
CA GLU C 16 17.25 8.50 1.20
C GLU C 16 16.13 7.50 1.36
N PHE C 17 14.88 7.93 1.17
CA PHE C 17 13.77 7.08 1.52
C PHE C 17 12.79 7.00 0.34
N ASN C 18 12.18 5.83 0.15
CA ASN C 18 11.14 5.65 -0.88
C ASN C 18 9.91 6.45 -0.56
N GLU C 19 9.19 6.87 -1.62
CA GLU C 19 7.94 7.66 -1.46
CA GLU C 19 7.90 7.62 -1.54
C GLU C 19 6.91 7.02 -0.54
N SER C 20 6.88 5.68 -0.50
CA SER C 20 6.01 4.91 0.42
C SER C 20 6.24 5.20 1.90
N VAL C 21 7.50 5.51 2.27
CA VAL C 21 7.96 5.52 3.66
C VAL C 21 7.53 6.82 4.34
N ASN C 22 6.87 6.74 5.51
CA ASN C 22 6.29 7.93 6.10
C ASN C 22 5.92 7.60 7.50
N GLU C 23 6.87 7.69 8.42
CA GLU C 23 6.63 7.13 9.76
C GLU C 23 7.71 7.54 10.75
N PRO C 24 7.50 7.30 12.03
CA PRO C 24 8.54 7.69 12.98
C PRO C 24 9.79 6.80 12.92
N PHE C 25 10.92 7.28 13.47
CA PHE C 25 12.02 6.35 13.55
C PHE C 25 11.76 5.41 14.68
N ILE C 26 11.14 5.93 15.74
CA ILE C 26 10.97 5.27 17.02
C ILE C 26 9.50 5.48 17.40
N SER C 27 8.77 4.37 17.48
CA SER C 27 7.36 4.34 17.78
C SER C 27 7.17 3.78 19.18
N ASP C 28 5.94 3.83 19.67
CA ASP C 28 5.59 3.15 20.91
C ASP C 28 6.29 3.76 22.13
N ASN C 29 6.42 5.07 22.06
CA ASN C 29 7.01 5.90 23.08
C ASN C 29 6.02 5.99 24.24
N LYS C 30 6.50 6.20 25.47
CA LYS C 30 5.66 6.26 26.70
C LYS C 30 6.02 7.41 27.59
N VAL C 31 5.06 8.29 27.83
CA VAL C 31 5.25 9.47 28.71
C VAL C 31 5.80 8.98 30.06
N GLU C 32 5.27 7.88 30.58
CA GLU C 32 5.67 7.42 31.91
CA GLU C 32 5.68 7.30 31.87
C GLU C 32 7.19 7.17 32.06
N ASP C 33 7.88 6.85 30.95
CA ASP C 33 9.30 6.52 30.89
C ASP C 33 10.20 7.73 30.65
N VAL C 34 9.62 8.91 30.38
CA VAL C 34 10.41 10.07 29.99
C VAL C 34 11.21 10.49 31.22
N ARG C 35 12.44 10.93 31.02
CA ARG C 35 13.23 11.53 32.12
C ARG C 35 12.48 12.68 32.85
N LYS C 36 12.35 12.60 34.18
CA LYS C 36 11.67 13.61 34.98
C LYS C 36 12.61 14.64 35.53
N ASP C 37 13.91 14.45 35.33
CA ASP C 37 14.91 15.34 35.88
C ASP C 37 15.40 16.25 34.75
N GLU C 38 15.59 17.54 35.03
CA GLU C 38 16.17 18.45 34.00
C GLU C 38 17.62 18.03 33.65
N TYR C 39 18.07 18.35 32.43
CA TYR C 39 19.43 18.01 32.04
C TYR C 39 20.40 18.91 32.76
N LYS C 40 21.63 18.43 32.93
CA LYS C 40 22.58 19.14 33.76
C LYS C 40 23.28 20.19 32.93
N LEU C 41 23.45 21.36 33.52
CA LEU C 41 24.18 22.50 32.98
C LEU C 41 25.50 22.55 33.73
N PRO C 42 26.45 23.25 33.18
CA PRO C 42 27.71 23.37 33.84
C PRO C 42 27.65 24.30 35.08
N PRO C 43 28.66 24.30 35.93
CA PRO C 43 28.55 25.11 37.17
C PRO C 43 28.27 26.58 37.00
N GLY C 44 27.23 27.04 37.69
CA GLY C 44 26.93 28.48 37.72
C GLY C 44 25.85 28.78 36.70
N TYR C 45 25.36 27.77 36.00
CA TYR C 45 24.29 28.03 35.06
C TYR C 45 23.03 27.36 35.55
N SER C 46 21.91 28.03 35.30
CA SER C 46 20.57 27.61 35.75
C SER C 46 19.49 27.64 34.67
N TRP C 47 18.63 26.63 34.68
CA TRP C 47 17.38 26.69 33.93
C TRP C 47 16.51 27.80 34.51
N TYR C 48 15.77 28.45 33.61
CA TYR C 48 14.92 29.52 33.93
C TYR C 48 13.59 29.34 33.22
N VAL C 49 12.49 29.56 33.95
CA VAL C 49 11.12 29.53 33.33
C VAL C 49 10.85 30.94 32.81
N CYS C 50 10.93 31.10 31.51
CA CYS C 50 10.64 32.44 30.94
C CYS C 50 9.16 32.53 30.81
N ASP C 51 8.58 33.56 31.44
CA ASP C 51 7.16 33.92 31.29
C ASP C 51 7.06 34.99 30.24
N VAL C 52 6.70 34.63 29.01
CA VAL C 52 6.78 35.59 27.88
C VAL C 52 5.68 36.66 27.99
N LYS C 53 4.62 36.33 28.74
CA LYS C 53 3.55 37.29 29.04
C LYS C 53 3.94 38.39 30.03
N ASP C 54 4.97 38.10 30.82
CA ASP C 54 5.65 39.05 31.69
C ASP C 54 6.56 40.04 30.93
N GLU C 55 6.26 41.31 31.02
CA GLU C 55 6.99 42.26 30.20
CA GLU C 55 7.01 42.29 30.23
C GLU C 55 8.51 42.23 30.53
N LYS C 56 8.84 42.09 31.81
CA LYS C 56 10.28 41.97 32.17
C LYS C 56 11.00 40.69 31.57
N ASP C 57 10.42 39.51 31.69
CA ASP C 57 11.02 38.29 31.06
C ASP C 57 11.14 38.41 29.55
N ARG C 58 10.10 38.94 28.91
CA ARG C 58 10.07 39.10 27.49
C ARG C 58 11.23 39.97 27.02
N SER C 59 11.48 41.10 27.70
CA SER C 59 12.60 41.99 27.36
C SER C 59 13.95 41.36 27.54
N GLU C 60 14.11 40.43 28.48
CA GLU C 60 15.36 39.69 28.68
CA GLU C 60 15.41 39.75 28.61
C GLU C 60 15.61 38.75 27.46
N ILE C 61 14.53 38.14 26.95
CA ILE C 61 14.66 37.24 25.78
C ILE C 61 14.97 38.19 24.60
N TYR C 62 14.19 39.26 24.45
CA TYR C 62 14.47 40.31 23.41
C TYR C 62 15.97 40.67 23.33
N THR C 63 16.50 41.17 24.42
CA THR C 63 17.93 41.46 24.52
C THR C 63 18.91 40.30 24.13
N LEU C 64 18.71 39.10 24.68
CA LEU C 64 19.51 37.98 24.36
C LEU C 64 19.53 37.78 22.84
N LEU C 65 18.36 37.75 22.19
CA LEU C 65 18.33 37.59 20.74
C LEU C 65 18.92 38.76 19.93
N THR C 66 18.69 39.99 20.38
CA THR C 66 19.10 41.18 19.62
C THR C 66 20.62 41.14 19.52
N ASP C 67 21.22 40.74 20.64
CA ASP C 67 22.66 40.70 20.71
C ASP C 67 23.31 39.44 20.13
N ASN C 68 22.61 38.30 20.13
CA ASN C 68 23.27 37.04 19.88
C ASN C 68 22.62 36.12 18.88
N TYR C 69 21.54 36.57 18.21
CA TYR C 69 20.78 35.59 17.40
C TYR C 69 21.39 35.51 16.00
N VAL C 70 20.63 35.01 15.05
CA VAL C 70 21.20 34.70 13.70
C VAL C 70 21.82 35.89 12.91
N GLU C 71 23.04 35.69 12.38
CA GLU C 71 23.70 36.64 11.47
C GLU C 71 23.87 36.04 10.05
N ASP C 72 24.09 36.85 9.04
CA ASP C 72 24.36 36.28 7.73
C ASP C 72 25.84 35.84 7.71
N ASP C 73 26.23 35.15 6.64
CA ASP C 73 27.57 34.55 6.55
C ASP C 73 28.70 35.55 6.64
N ASP C 74 28.43 36.77 6.19
CA ASP C 74 29.39 37.87 6.29
C ASP C 74 29.13 38.92 7.37
N ASN C 75 28.36 38.54 8.38
CA ASN C 75 28.12 39.38 9.54
C ASN C 75 27.78 40.81 9.23
N ILE C 76 26.93 41.01 8.24
CA ILE C 76 26.44 42.36 7.91
C ILE C 76 25.15 42.69 8.68
N PHE C 77 24.29 41.69 8.76
CA PHE C 77 23.00 41.81 9.44
C PHE C 77 22.84 40.83 10.60
N ARG C 78 22.09 41.24 11.62
CA ARG C 78 21.61 40.28 12.67
C ARG C 78 20.08 40.43 12.89
N PHE C 79 19.32 39.33 12.89
CA PHE C 79 17.87 39.51 13.08
C PHE C 79 17.58 40.24 14.42
N ASN C 80 16.52 41.03 14.44
CA ASN C 80 16.11 41.79 15.62
C ASN C 80 14.61 41.64 15.71
N TYR C 81 14.12 40.42 16.00
CA TYR C 81 12.78 40.18 16.38
C TYR C 81 12.38 41.17 17.54
N SER C 82 11.20 41.84 17.41
CA SER C 82 10.72 42.79 18.44
C SER C 82 10.13 41.98 19.64
N ALA C 83 10.12 42.57 20.83
CA ALA C 83 9.41 41.98 21.97
C ALA C 83 7.98 41.61 21.57
N GLU C 84 7.29 42.46 20.82
CA GLU C 84 5.90 42.24 20.48
CA GLU C 84 5.90 42.25 20.45
CA GLU C 84 5.91 42.19 20.49
C GLU C 84 5.80 41.04 19.50
N PHE C 85 6.80 40.91 18.63
CA PHE C 85 6.89 39.80 17.74
C PHE C 85 7.03 38.53 18.57
N LEU C 86 7.88 38.59 19.58
CA LEU C 86 8.15 37.36 20.37
C LEU C 86 6.89 36.94 21.14
N LEU C 87 6.12 37.94 21.55
CA LEU C 87 4.85 37.68 22.31
C LEU C 87 3.93 36.91 21.41
N TRP C 88 3.81 37.30 20.16
CA TRP C 88 2.88 36.72 19.19
C TRP C 88 3.37 35.33 18.78
N ALA C 89 4.69 35.18 18.63
CA ALA C 89 5.22 33.97 18.09
C ALA C 89 5.15 32.82 19.11
N LEU C 90 5.10 33.23 20.38
CA LEU C 90 5.21 32.20 21.42
C LEU C 90 3.96 31.84 22.16
N THR C 91 2.92 32.64 22.02
CA THR C 91 1.70 32.40 22.79
C THR C 91 0.54 31.99 21.88
N SER C 92 0.80 31.21 20.83
CA SER C 92 -0.28 30.69 19.99
C SER C 92 -1.20 29.79 20.81
N PRO C 93 -2.27 29.29 20.19
CA PRO C 93 -3.22 28.61 21.07
C PRO C 93 -2.69 27.33 21.59
N ASN C 94 -3.06 27.10 22.84
CA ASN C 94 -2.67 25.91 23.62
C ASN C 94 -1.17 25.84 23.87
N TYR C 95 -0.48 26.94 23.66
CA TYR C 95 0.97 26.91 23.99
C TYR C 95 1.29 26.44 25.44
N LEU C 96 2.50 25.97 25.64
CA LEU C 96 2.91 25.51 26.96
CA LEU C 96 2.95 25.46 26.94
C LEU C 96 4.00 26.40 27.51
N LYS C 97 3.78 26.95 28.70
CA LYS C 97 4.82 27.75 29.30
C LYS C 97 6.11 26.94 29.56
N THR C 98 5.98 25.63 29.81
CA THR C 98 7.13 24.85 30.07
C THR C 98 8.04 24.66 28.81
N TRP C 99 7.55 25.08 27.62
CA TRP C 99 8.38 25.02 26.40
C TRP C 99 9.00 26.37 26.02
N HIS C 100 9.03 27.31 26.96
CA HIS C 100 9.76 28.60 26.81
C HIS C 100 10.93 28.62 27.78
N ILE C 101 12.10 28.16 27.30
CA ILE C 101 13.25 27.71 28.24
C ILE C 101 14.46 28.62 28.25
N GLY C 102 14.73 29.27 29.39
CA GLY C 102 15.89 30.13 29.46
C GLY C 102 17.01 29.39 30.19
N VAL C 103 18.24 29.82 29.95
CA VAL C 103 19.35 29.47 30.77
C VAL C 103 19.94 30.75 31.28
N LYS C 104 20.12 30.84 32.58
CA LYS C 104 20.73 32.02 33.23
C LYS C 104 22.15 31.75 33.66
N TYR C 105 22.97 32.79 33.77
CA TYR C 105 24.24 32.66 34.44
C TYR C 105 24.08 33.17 35.86
N ASP C 106 24.35 32.34 36.89
CA ASP C 106 23.87 32.75 38.21
C ASP C 106 24.60 34.01 38.71
N ALA C 107 25.82 34.20 38.22
CA ALA C 107 26.70 35.29 38.67
C ALA C 107 26.10 36.64 38.32
N SER C 108 25.45 36.76 37.17
CA SER C 108 24.95 38.07 36.69
C SER C 108 23.42 38.05 36.63
N ASN C 109 22.81 36.92 36.92
CA ASN C 109 21.38 36.71 36.72
C ASN C 109 20.84 37.20 35.34
N LYS C 110 21.69 37.10 34.32
CA LYS C 110 21.28 37.38 32.94
CA LYS C 110 21.23 37.35 32.97
C LYS C 110 21.07 36.09 32.10
N LEU C 111 20.15 36.16 31.17
CA LEU C 111 19.89 35.12 30.18
C LEU C 111 21.10 34.92 29.24
N ILE C 112 21.62 33.68 29.17
CA ILE C 112 22.69 33.36 28.20
C ILE C 112 22.28 32.28 27.24
N GLY C 113 21.07 31.72 27.37
CA GLY C 113 20.62 30.74 26.41
C GLY C 113 19.12 30.77 26.37
N PHE C 114 18.59 30.20 25.30
CA PHE C 114 17.10 30.23 25.12
C PHE C 114 16.78 29.18 24.04
N ILE C 115 15.64 28.52 24.20
CA ILE C 115 15.05 27.73 23.19
C ILE C 115 13.53 27.71 23.43
N SER C 116 12.74 27.59 22.36
CA SER C 116 11.26 27.52 22.52
C SER C 116 10.61 26.57 21.55
N ALA C 117 9.36 26.22 21.85
CA ALA C 117 8.55 25.40 20.96
C ALA C 117 7.12 25.89 21.15
N ILE C 118 6.34 25.71 20.10
CA ILE C 118 4.88 25.87 20.22
C ILE C 118 4.23 24.63 19.63
N PRO C 119 3.03 24.29 20.14
CA PRO C 119 2.42 23.05 19.57
C PRO C 119 1.64 23.27 18.25
N THR C 120 1.80 22.40 17.26
CA THR C 120 1.06 22.59 16.01
CA THR C 120 1.11 22.59 15.97
C THR C 120 0.76 21.23 15.37
N ASP C 121 -0.33 21.12 14.63
CA ASP C 121 -0.60 19.84 13.94
C ASP C 121 0.02 20.02 12.60
N ILE C 122 0.82 19.04 12.20
CA ILE C 122 1.57 19.12 10.97
C ILE C 122 1.17 17.96 10.07
N CYS C 123 0.81 18.28 8.84
CA CYS C 123 0.58 17.24 7.82
C CYS C 123 1.76 16.97 6.91
N ILE C 124 2.35 15.77 7.06
CA ILE C 124 3.48 15.33 6.26
C ILE C 124 3.12 14.12 5.35
N HIS C 125 3.31 14.26 4.04
CA HIS C 125 2.88 13.21 3.07
CA HIS C 125 2.87 13.23 3.07
C HIS C 125 1.49 12.70 3.52
N LYS C 126 0.59 13.61 3.84
CA LYS C 126 -0.86 13.33 4.12
C LYS C 126 -1.19 12.60 5.42
N ARG C 127 -0.20 12.38 6.27
CA ARG C 127 -0.40 12.00 7.65
C ARG C 127 -0.26 13.21 8.57
N THR C 128 -1.30 13.50 9.34
CA THR C 128 -1.31 14.59 10.34
C THR C 128 -0.81 14.12 11.70
N ILE C 129 0.33 14.65 12.10
CA ILE C 129 0.93 14.36 13.42
C ILE C 129 0.91 15.63 14.34
N LYS C 130 0.66 15.48 15.63
CA LYS C 130 0.82 16.56 16.59
CA LYS C 130 0.81 16.54 16.63
C LYS C 130 2.33 16.73 16.81
N MET C 131 2.85 17.90 16.47
CA MET C 131 4.29 18.20 16.59
C MET C 131 4.60 19.43 17.48
N ALA C 132 5.85 19.57 17.91
CA ALA C 132 6.35 20.83 18.43
C ALA C 132 7.05 21.56 17.27
N GLU C 133 6.93 22.88 17.19
CA GLU C 133 7.65 23.69 16.22
C GLU C 133 8.65 24.54 16.99
N VAL C 134 9.93 24.20 16.84
CA VAL C 134 11.02 24.68 17.67
C VAL C 134 11.65 25.89 16.98
N ASN C 135 11.90 26.89 17.78
CA ASN C 135 12.40 28.16 17.26
C ASN C 135 13.20 28.91 18.33
N PHE C 136 13.94 29.89 17.88
CA PHE C 136 14.71 30.79 18.73
C PHE C 136 15.81 30.19 19.54
N LEU C 137 16.39 29.07 19.09
CA LEU C 137 17.52 28.55 19.80
C LEU C 137 18.65 29.56 19.76
N CYS C 138 19.18 29.90 20.93
CA CYS C 138 20.24 30.89 20.95
C CYS C 138 21.21 30.67 22.13
N VAL C 139 22.52 30.70 21.90
CA VAL C 139 23.50 30.70 22.99
C VAL C 139 24.33 31.98 22.80
N HIS C 140 24.53 32.70 23.89
CA HIS C 140 25.31 33.95 23.91
C HIS C 140 26.65 33.74 23.21
N LYS C 141 27.12 34.77 22.53
CA LYS C 141 28.33 34.68 21.68
C LYS C 141 29.58 34.28 22.48
N THR C 142 29.60 34.64 23.74
CA THR C 142 30.80 34.38 24.51
C THR C 142 30.86 32.90 24.90
N LEU C 143 29.73 32.21 24.82
CA LEU C 143 29.65 30.79 25.24
C LEU C 143 29.50 29.75 24.11
N ARG C 144 30.04 30.10 22.94
CA ARG C 144 29.89 29.26 21.73
C ARG C 144 30.86 28.10 21.63
N SER C 145 30.48 27.03 20.93
CA SER C 145 31.31 25.83 20.86
C SER C 145 31.65 25.18 22.21
N LYS C 146 30.73 25.23 23.15
CA LYS C 146 30.96 24.58 24.41
C LYS C 146 29.91 23.51 24.65
N ARG C 147 29.21 23.09 23.59
CA ARG C 147 28.18 22.03 23.62
C ARG C 147 26.98 22.35 24.50
N LEU C 148 26.62 23.64 24.61
CA LEU C 148 25.39 24.01 25.28
C LEU C 148 24.20 23.68 24.43
N ALA C 149 24.35 23.85 23.12
CA ALA C 149 23.13 23.72 22.27
C ALA C 149 22.44 22.33 22.37
N PRO C 150 23.23 21.22 22.37
CA PRO C 150 22.72 19.85 22.65
C PRO C 150 21.96 19.67 24.01
N VAL C 151 22.35 20.44 24.97
CA VAL C 151 21.67 20.46 26.27
C VAL C 151 20.31 21.13 26.17
N LEU C 152 20.24 22.35 25.64
CA LEU C 152 18.94 22.95 25.35
C LEU C 152 18.01 22.04 24.48
N ILE C 153 18.60 21.41 23.50
CA ILE C 153 17.80 20.60 22.58
C ILE C 153 17.25 19.38 23.35
N LYS C 154 18.15 18.71 24.08
CA LYS C 154 17.69 17.57 24.87
C LYS C 154 16.64 17.97 25.95
N GLU C 155 16.90 19.06 26.64
CA GLU C 155 15.92 19.51 27.58
C GLU C 155 14.53 19.84 26.94
N ILE C 156 14.47 20.60 25.81
CA ILE C 156 13.15 20.83 25.30
C ILE C 156 12.54 19.55 24.74
N THR C 157 13.35 18.60 24.23
CA THR C 157 12.80 17.32 23.76
C THR C 157 12.08 16.60 24.94
N ARG C 158 12.75 16.60 26.10
CA ARG C 158 12.18 15.97 27.33
C ARG C 158 10.80 16.62 27.68
N ARG C 159 10.73 17.94 27.56
CA ARG C 159 9.51 18.59 28.03
C ARG C 159 8.36 18.47 27.03
N ILE C 160 8.76 18.30 25.77
CA ILE C 160 7.79 18.08 24.67
C ILE C 160 7.30 16.68 24.89
N ASN C 161 8.21 15.70 25.10
CA ASN C 161 7.82 14.30 25.38
C ASN C 161 6.83 14.14 26.55
N LEU C 162 6.96 14.98 27.59
CA LEU C 162 6.00 14.95 28.73
C LEU C 162 4.56 15.36 28.35
N GLU C 163 4.42 15.97 27.16
CA GLU C 163 3.13 16.17 26.57
C GLU C 163 2.72 15.05 25.61
N ASN C 164 3.44 13.94 25.56
CA ASN C 164 3.09 12.82 24.64
C ASN C 164 3.26 13.15 23.18
N ILE C 165 4.22 14.04 22.90
CA ILE C 165 4.47 14.48 21.59
C ILE C 165 5.89 14.08 21.28
N TRP C 166 6.05 13.42 20.14
CA TRP C 166 7.30 12.74 19.81
C TRP C 166 7.96 13.16 18.48
N GLN C 167 7.34 14.13 17.81
CA GLN C 167 7.83 14.71 16.57
C GLN C 167 8.02 16.23 16.71
N ALA C 168 8.93 16.82 15.91
CA ALA C 168 9.06 18.26 15.87
C ALA C 168 9.33 18.70 14.47
N ILE C 169 9.10 19.96 14.24
CA ILE C 169 9.50 20.50 12.96
C ILE C 169 10.36 21.70 13.30
N TYR C 170 11.43 21.90 12.54
CA TYR C 170 12.32 23.04 12.73
C TYR C 170 13.03 23.39 11.40
N THR C 171 13.57 24.59 11.33
CA THR C 171 14.33 25.03 10.16
C THR C 171 15.70 25.57 10.59
N ALA C 172 16.65 25.58 9.67
CA ALA C 172 17.86 26.30 9.93
C ALA C 172 18.52 26.59 8.62
N GLY C 173 19.40 27.57 8.65
CA GLY C 173 20.33 27.89 7.56
C GLY C 173 21.47 26.88 7.47
N VAL C 174 21.83 26.23 8.61
CA VAL C 174 22.94 25.31 8.59
C VAL C 174 22.48 23.92 8.11
N TYR C 175 23.39 23.27 7.43
CA TYR C 175 23.13 21.93 6.91
C TYR C 175 23.32 20.86 8.01
N LEU C 176 22.27 20.12 8.30
CA LEU C 176 22.25 19.11 9.41
C LEU C 176 21.63 17.81 8.92
N PRO C 177 21.80 16.69 9.67
CA PRO C 177 21.06 15.48 9.25
C PRO C 177 19.63 15.53 9.65
N LYS C 178 18.69 15.47 8.68
CA LYS C 178 18.94 15.70 7.22
C LYS C 178 17.73 16.45 6.69
N PRO C 179 17.90 17.48 5.80
CA PRO C 179 16.67 18.16 5.40
C PRO C 179 15.60 17.26 4.75
N VAL C 180 14.32 17.52 5.03
CA VAL C 180 13.21 17.02 4.19
C VAL C 180 12.99 17.91 2.95
N SER C 181 13.40 19.15 3.07
CA SER C 181 13.39 20.06 1.95
C SER C 181 14.34 21.21 2.16
N ASP C 182 14.79 21.79 1.03
CA ASP C 182 15.69 22.94 0.99
CA ASP C 182 15.68 22.98 1.02
C ASP C 182 15.09 24.11 0.16
N ALA C 183 14.98 25.29 0.75
CA ALA C 183 14.33 26.40 0.11
C ALA C 183 15.21 27.65 0.07
N ARG C 184 15.58 28.07 -1.16
CA ARG C 184 16.34 29.30 -1.35
C ARG C 184 15.49 30.51 -1.03
N TYR C 185 16.12 31.53 -0.43
CA TYR C 185 15.39 32.78 -0.25
C TYR C 185 15.77 33.75 -1.34
N TYR C 186 14.84 34.67 -1.61
CA TYR C 186 14.91 35.66 -2.65
C TYR C 186 14.42 36.95 -2.07
N HIS C 187 14.80 38.07 -2.70
CA HIS C 187 14.69 39.42 -2.11
C HIS C 187 14.27 40.37 -3.17
N ARG C 188 13.14 41.02 -2.95
CA ARG C 188 12.74 42.15 -3.81
CA ARG C 188 12.75 42.15 -3.80
C ARG C 188 13.01 43.50 -3.14
N SER C 189 13.86 44.35 -3.75
CA SER C 189 14.23 45.65 -3.16
C SER C 189 13.12 46.63 -3.28
N ILE C 190 12.88 47.46 -2.24
CA ILE C 190 11.86 48.49 -2.23
C ILE C 190 12.60 49.84 -2.03
N ASN C 191 13.41 49.95 -0.97
CA ASN C 191 14.15 51.16 -0.75
CA ASN C 191 14.18 51.16 -0.72
C ASN C 191 15.55 50.92 -1.27
N VAL C 192 15.64 51.00 -2.61
CA VAL C 192 16.78 50.63 -3.36
C VAL C 192 18.00 51.38 -2.85
N LYS C 193 17.87 52.68 -2.56
CA LYS C 193 19.01 53.51 -2.24
C LYS C 193 19.67 52.99 -0.96
N LYS C 194 18.84 52.67 0.02
CA LYS C 194 19.36 52.17 1.32
C LYS C 194 19.97 50.75 1.20
N LEU C 195 19.34 49.87 0.43
CA LEU C 195 19.92 48.53 0.17
C LEU C 195 21.27 48.53 -0.54
N ILE C 196 21.50 49.53 -1.40
CA ILE C 196 22.83 49.69 -2.01
C ILE C 196 23.87 50.17 -0.97
N GLU C 197 23.55 51.27 -0.28
CA GLU C 197 24.42 51.85 0.77
C GLU C 197 24.89 50.80 1.81
N ILE C 198 23.96 50.03 2.35
CA ILE C 198 24.30 49.01 3.35
C ILE C 198 24.94 47.74 2.74
N GLY C 199 25.05 47.68 1.42
CA GLY C 199 25.63 46.52 0.70
C GLY C 199 24.89 45.19 0.79
N PHE C 200 23.56 45.26 0.86
CA PHE C 200 22.71 44.07 0.70
C PHE C 200 22.67 43.69 -0.79
N VAL C 218 7.49 51.66 -8.61
CA VAL C 218 6.30 50.82 -8.51
C VAL C 218 5.02 51.65 -8.57
N GLU C 219 4.02 51.15 -9.30
CA GLU C 219 2.74 51.88 -9.37
C GLU C 219 1.95 51.67 -8.06
N ASP C 220 1.56 52.77 -7.42
CA ASP C 220 0.86 52.74 -6.16
C ASP C 220 -0.65 52.48 -6.38
N THR C 221 -0.99 51.51 -7.24
CA THR C 221 -2.36 50.98 -7.38
C THR C 221 -2.38 49.48 -7.28
N LEU C 222 -3.22 48.93 -6.40
CA LEU C 222 -3.47 47.50 -6.33
C LEU C 222 -4.12 46.88 -7.55
N ASN C 223 -3.67 45.69 -7.90
CA ASN C 223 -4.33 44.93 -8.91
C ASN C 223 -5.71 44.43 -8.49
N ILE C 224 -5.80 44.02 -7.22
CA ILE C 224 -7.07 43.66 -6.56
C ILE C 224 -7.54 44.84 -5.68
N LYS C 225 -8.41 45.69 -6.20
CA LYS C 225 -8.64 47.01 -5.63
C LYS C 225 -9.14 46.98 -4.18
N ASN C 226 -9.90 45.93 -3.84
CA ASN C 226 -10.58 45.94 -2.56
C ASN C 226 -9.80 45.24 -1.50
N MET C 227 -8.57 44.87 -1.81
CA MET C 227 -7.74 44.17 -0.85
C MET C 227 -7.57 45.07 0.39
N ARG C 228 -7.83 44.52 1.58
CA ARG C 228 -7.93 45.38 2.81
C ARG C 228 -7.48 44.57 4.05
N LEU C 229 -7.05 45.27 5.11
CA LEU C 229 -6.72 44.59 6.36
C LEU C 229 -7.80 43.65 6.88
N MET C 230 -7.37 42.46 7.28
CA MET C 230 -8.23 41.45 7.88
C MET C 230 -8.85 41.88 9.22
N LYS C 231 -10.10 41.48 9.37
CA LYS C 231 -10.79 41.88 10.58
C LYS C 231 -11.29 40.62 11.18
N LYS C 232 -11.74 40.70 12.45
CA LYS C 232 -12.25 39.48 13.11
C LYS C 232 -13.35 38.75 12.37
N LYS C 233 -14.31 39.50 11.78
CA LYS C 233 -15.38 38.87 11.01
C LYS C 233 -14.83 38.01 9.86
N ASP C 234 -13.53 38.16 9.48
CA ASP C 234 -13.00 37.37 8.34
C ASP C 234 -12.38 36.02 8.68
N VAL C 235 -12.23 35.70 9.97
CA VAL C 235 -11.52 34.52 10.34
C VAL C 235 -12.07 33.24 9.66
N GLU C 236 -13.42 33.06 9.75
CA GLU C 236 -14.00 31.89 9.11
CA GLU C 236 -14.19 32.05 9.00
C GLU C 236 -13.65 31.81 7.62
N GLY C 237 -13.65 32.92 6.86
CA GLY C 237 -13.32 32.86 5.41
C GLY C 237 -11.83 32.58 5.11
N VAL C 238 -10.95 33.21 5.86
CA VAL C 238 -9.51 32.88 5.77
C VAL C 238 -9.28 31.38 6.10
N HIS C 239 -9.97 30.89 7.11
CA HIS C 239 -9.81 29.52 7.52
C HIS C 239 -10.18 28.56 6.35
N LYS C 240 -11.28 28.86 5.67
CA LYS C 240 -11.71 28.05 4.55
C LYS C 240 -10.77 28.15 3.38
N LEU C 241 -10.39 29.39 3.05
CA LEU C 241 -9.51 29.58 1.89
C LEU C 241 -8.12 29.00 2.13
N LEU C 242 -7.48 29.33 3.24
CA LEU C 242 -6.12 28.79 3.47
C LEU C 242 -6.16 27.30 3.67
N GLY C 243 -7.09 26.84 4.49
CA GLY C 243 -7.26 25.43 4.78
C GLY C 243 -7.31 24.58 3.51
N SER C 244 -8.14 24.99 2.53
CA SER C 244 -8.27 24.28 1.26
CA SER C 244 -8.28 24.28 1.27
CA SER C 244 -8.27 24.28 1.26
C SER C 244 -7.02 24.43 0.44
N TYR C 245 -6.49 25.63 0.35
CA TYR C 245 -5.24 25.85 -0.37
C TYR C 245 -4.10 24.90 0.07
N LEU C 246 -3.95 24.67 1.36
CA LEU C 246 -2.73 24.03 1.83
C LEU C 246 -2.70 22.50 1.65
N GLU C 247 -3.87 21.90 1.49
CA GLU C 247 -4.04 20.43 1.36
C GLU C 247 -3.28 19.82 0.20
N GLN C 248 -2.89 20.66 -0.74
CA GLN C 248 -2.11 20.24 -1.91
C GLN C 248 -0.65 20.01 -1.59
N PHE C 249 -0.14 20.54 -0.46
CA PHE C 249 1.31 20.52 -0.23
C PHE C 249 1.65 19.25 0.50
N ASN C 250 2.93 18.88 0.37
CA ASN C 250 3.44 17.71 1.08
CA ASN C 250 3.52 17.72 1.06
C ASN C 250 3.76 17.94 2.56
N LEU C 251 3.78 19.22 2.99
CA LEU C 251 4.11 19.62 4.40
C LEU C 251 3.48 20.92 4.72
N TYR C 252 2.52 20.91 5.63
CA TYR C 252 1.85 22.10 6.06
C TYR C 252 1.25 21.92 7.44
N ALA C 253 0.97 23.04 8.11
CA ALA C 253 0.30 23.04 9.38
C ALA C 253 -1.17 22.98 9.12
N VAL C 254 -1.86 22.15 9.91
CA VAL C 254 -3.33 22.05 9.89
C VAL C 254 -4.00 23.08 10.85
N PHE C 255 -4.43 24.23 10.28
CA PHE C 255 -4.87 25.34 11.17
C PHE C 255 -6.27 25.12 11.69
N THR C 256 -6.48 25.27 13.00
CA THR C 256 -7.84 25.46 13.50
C THR C 256 -8.28 26.90 13.38
N LYS C 257 -9.58 27.19 13.52
CA LYS C 257 -10.08 28.52 13.50
C LYS C 257 -9.37 29.46 14.50
N GLU C 258 -9.13 28.98 15.74
CA GLU C 258 -8.45 29.74 16.78
CA GLU C 258 -8.46 29.80 16.77
C GLU C 258 -7.01 30.08 16.33
N GLU C 259 -6.44 29.13 15.58
CA GLU C 259 -5.12 29.32 14.99
C GLU C 259 -5.15 30.36 13.89
N ILE C 260 -6.19 30.35 13.07
CA ILE C 260 -6.25 31.34 12.04
C ILE C 260 -6.34 32.75 12.65
N ALA C 261 -7.15 32.88 13.69
CA ALA C 261 -7.27 34.15 14.37
C ALA C 261 -5.97 34.67 14.96
N HIS C 262 -5.25 33.76 15.65
CA HIS C 262 -3.92 34.10 16.17
C HIS C 262 -2.89 34.46 15.08
N TRP C 263 -2.74 33.64 14.05
CA TRP C 263 -1.60 33.77 13.17
C TRP C 263 -1.81 34.86 12.12
N PHE C 264 -3.07 35.26 11.92
CA PHE C 264 -3.39 36.17 10.86
C PHE C 264 -4.02 37.48 11.22
N LEU C 265 -4.73 37.60 12.32
CA LEU C 265 -5.32 38.93 12.58
C LEU C 265 -4.18 39.96 12.81
N PRO C 266 -4.25 41.13 12.12
CA PRO C 266 -3.11 41.97 12.12
C PRO C 266 -2.73 42.61 13.41
N ILE C 267 -1.43 42.68 13.65
CA ILE C 267 -0.83 43.35 14.80
C ILE C 267 0.26 44.22 14.19
N GLU C 268 0.14 45.55 14.37
CA GLU C 268 1.10 46.47 13.75
C GLU C 268 2.53 46.10 14.08
N ASN C 269 3.41 46.18 13.08
CA ASN C 269 4.81 45.85 13.22
C ASN C 269 5.10 44.44 13.57
N VAL C 270 4.15 43.56 13.30
CA VAL C 270 4.34 42.13 13.61
C VAL C 270 3.77 41.27 12.45
N ILE C 271 2.48 41.35 12.22
CA ILE C 271 1.85 40.49 11.22
C ILE C 271 0.80 41.37 10.47
N TYR C 272 0.89 41.30 9.13
CA TYR C 272 0.00 42.03 8.16
C TYR C 272 -0.75 41.01 7.33
N THR C 273 -2.08 41.09 7.35
CA THR C 273 -2.89 40.12 6.58
C THR C 273 -3.95 40.94 5.92
N TYR C 274 -4.09 40.79 4.60
CA TYR C 274 -5.03 41.47 3.76
C TYR C 274 -5.93 40.46 3.06
N VAL C 275 -7.20 40.83 2.88
CA VAL C 275 -8.12 39.91 2.24
C VAL C 275 -8.93 40.66 1.17
N ASN C 276 -9.32 39.91 0.16
CA ASN C 276 -10.31 40.39 -0.81
C ASN C 276 -11.65 39.69 -0.59
N GLU C 277 -12.69 40.46 -0.23
CA GLU C 277 -14.00 39.93 0.07
C GLU C 277 -14.98 40.28 -1.06
N GLU C 278 -15.34 39.29 -1.91
CA GLU C 278 -16.49 39.47 -2.81
C GLU C 278 -17.65 38.53 -2.48
N ASN C 279 -18.80 39.11 -2.09
CA ASN C 279 -20.03 38.36 -1.74
C ASN C 279 -19.95 37.73 -0.38
N GLY C 280 -19.52 38.50 0.62
CA GLY C 280 -19.33 37.98 1.95
C GLY C 280 -18.42 36.76 1.99
N LYS C 281 -17.70 36.50 0.90
CA LYS C 281 -16.75 35.41 0.85
C LYS C 281 -15.34 35.92 0.64
N ILE C 282 -14.37 35.25 1.27
CA ILE C 282 -12.98 35.67 1.16
C ILE C 282 -12.35 34.92 0.00
N LYS C 283 -11.91 35.64 -1.05
CA LYS C 283 -11.46 34.98 -2.28
C LYS C 283 -9.94 35.07 -2.51
N ASP C 284 -9.32 36.01 -1.83
CA ASP C 284 -7.87 36.18 -1.94
C ASP C 284 -7.35 36.63 -0.58
N MET C 285 -6.09 36.26 -0.32
CA MET C 285 -5.41 36.74 0.85
C MET C 285 -3.91 36.98 0.57
N ILE C 286 -3.36 37.99 1.24
CA ILE C 286 -1.93 38.24 1.31
C ILE C 286 -1.51 38.28 2.81
N SER C 287 -0.39 37.67 3.12
CA SER C 287 0.20 37.95 4.45
C SER C 287 1.70 37.99 4.44
N PHE C 288 2.25 38.85 5.31
CA PHE C 288 3.70 38.91 5.60
C PHE C 288 3.91 39.39 7.05
N TYR C 289 5.02 38.99 7.65
CA TYR C 289 5.38 39.50 8.93
C TYR C 289 6.61 40.37 8.93
N SER C 290 6.78 41.16 10.00
CA SER C 290 7.87 42.11 10.10
CA SER C 290 7.90 42.11 10.10
C SER C 290 9.01 41.52 10.95
N LEU C 291 10.22 41.54 10.40
CA LEU C 291 11.35 40.93 11.08
C LEU C 291 12.51 41.82 10.76
N PRO C 292 12.78 42.84 11.63
CA PRO C 292 13.88 43.73 11.22
C PRO C 292 15.21 43.06 11.44
N SER C 293 16.24 43.58 10.79
CA SER C 293 17.61 43.21 11.12
C SER C 293 18.33 44.45 11.51
N GLN C 294 19.21 44.26 12.49
CA GLN C 294 20.20 45.23 12.91
C GLN C 294 21.29 45.22 11.84
N ILE C 295 21.66 46.44 11.39
CA ILE C 295 22.74 46.63 10.39
C ILE C 295 24.06 46.79 11.15
N LEU C 296 24.99 45.89 10.93
CA LEU C 296 26.03 45.84 11.95
C LEU C 296 27.23 46.63 11.45
N GLY C 297 27.83 47.40 12.35
CA GLY C 297 29.09 48.11 12.00
C GLY C 297 28.84 49.26 11.05
N ASN C 298 27.57 49.65 10.93
CA ASN C 298 27.12 50.73 10.05
C ASN C 298 26.65 51.94 10.84
N ASP C 299 27.43 53.01 10.73
CA ASP C 299 27.20 54.23 11.49
C ASP C 299 26.15 55.20 10.88
N LYS C 300 25.64 54.92 9.65
CA LYS C 300 24.57 55.74 9.03
C LYS C 300 23.14 55.10 9.16
N TYR C 301 23.06 53.79 8.91
CA TYR C 301 21.82 53.02 9.13
C TYR C 301 21.96 51.96 10.23
N SER C 302 20.98 51.89 11.10
CA SER C 302 21.03 50.85 12.15
C SER C 302 20.02 49.68 12.03
N THR C 303 18.81 49.90 11.48
CA THR C 303 17.80 48.82 11.27
C THR C 303 17.38 48.74 9.78
N LEU C 304 17.34 47.52 9.25
CA LEU C 304 16.71 47.26 7.96
C LEU C 304 15.29 46.78 8.23
N ASN C 305 14.26 47.46 7.73
CA ASN C 305 12.91 46.98 8.03
C ASN C 305 12.44 46.08 6.91
N ALA C 306 12.09 44.85 7.23
CA ALA C 306 11.92 43.77 6.23
C ALA C 306 10.61 43.02 6.48
N ALA C 307 9.90 42.79 5.39
CA ALA C 307 8.68 42.01 5.35
C ALA C 307 9.02 40.67 4.76
N TYR C 308 8.47 39.64 5.40
CA TYR C 308 8.71 38.22 4.98
C TYR C 308 7.41 37.69 4.53
N SER C 309 7.36 37.19 3.31
CA SER C 309 6.17 36.63 2.74
C SER C 309 5.76 35.40 3.61
N PHE C 310 4.49 35.26 3.99
CA PHE C 310 4.01 34.23 4.94
C PHE C 310 3.06 33.34 4.07
N TYR C 311 1.75 33.57 4.07
CA TYR C 311 0.79 32.86 3.20
C TYR C 311 -0.02 33.80 2.30
N ASN C 312 -0.12 33.41 1.03
CA ASN C 312 -0.74 34.19 -0.06
C ASN C 312 -1.54 33.24 -0.92
N VAL C 313 -2.85 33.52 -1.15
CA VAL C 313 -3.73 32.66 -1.94
C VAL C 313 -4.54 33.58 -2.81
N THR C 314 -4.65 33.29 -4.12
CA THR C 314 -5.55 34.08 -5.01
C THR C 314 -6.45 33.14 -5.74
N THR C 315 -7.77 33.45 -5.74
CA THR C 315 -8.77 32.67 -6.55
C THR C 315 -9.43 33.62 -7.58
N THR C 316 -9.20 34.93 -7.48
CA THR C 316 -9.69 35.92 -8.48
C THR C 316 -8.60 36.63 -9.32
N ALA C 317 -7.31 36.32 -9.14
CA ALA C 317 -6.23 37.01 -9.89
C ALA C 317 -5.11 36.04 -10.16
N THR C 318 -4.12 36.42 -10.94
CA THR C 318 -3.00 35.51 -11.15
C THR C 318 -2.09 35.61 -9.92
N PHE C 319 -1.36 34.53 -9.64
CA PHE C 319 -0.43 34.63 -8.52
C PHE C 319 0.58 35.78 -8.69
N LYS C 320 1.16 35.98 -9.88
CA LYS C 320 1.90 37.23 -10.15
C LYS C 320 1.25 38.54 -9.65
N GLN C 321 0.00 38.80 -10.07
CA GLN C 321 -0.77 39.97 -9.63
C GLN C 321 -0.88 40.13 -8.08
N LEU C 322 -1.23 39.05 -7.41
CA LEU C 322 -1.35 38.97 -6.01
C LEU C 322 0.00 39.31 -5.32
N MET C 323 1.09 38.70 -5.76
CA MET C 323 2.36 39.02 -5.06
C MET C 323 2.86 40.44 -5.41
N GLN C 324 2.54 40.90 -6.62
CA GLN C 324 2.74 42.29 -6.97
C GLN C 324 2.01 43.22 -5.98
N ASP C 325 0.79 42.87 -5.60
CA ASP C 325 0.10 43.60 -4.55
C ASP C 325 0.68 43.46 -3.13
N ALA C 326 1.23 42.31 -2.72
CA ALA C 326 1.89 42.19 -1.45
C ALA C 326 3.13 43.09 -1.32
N ILE C 327 3.91 43.12 -2.42
CA ILE C 327 5.07 44.06 -2.59
C ILE C 327 4.57 45.50 -2.45
N LEU C 328 3.47 45.91 -3.14
CA LEU C 328 2.98 47.26 -2.91
C LEU C 328 2.53 47.49 -1.43
N LEU C 329 1.81 46.54 -0.85
CA LEU C 329 1.32 46.67 0.54
C LEU C 329 2.51 46.75 1.51
N ALA C 330 3.58 46.04 1.19
CA ALA C 330 4.80 46.24 1.98
C ALA C 330 5.44 47.62 1.77
N LYS C 331 5.54 48.04 0.53
CA LYS C 331 5.99 49.41 0.25
C LYS C 331 5.15 50.43 1.05
N ARG C 332 3.84 50.27 1.04
CA ARG C 332 3.01 51.26 1.72
C ARG C 332 3.16 51.22 3.25
N ASN C 333 3.71 50.14 3.80
CA ASN C 333 3.87 50.02 5.25
C ASN C 333 5.34 50.24 5.64
N ASN C 334 6.10 50.83 4.73
CA ASN C 334 7.37 51.42 5.05
C ASN C 334 8.48 50.37 5.13
N PHE C 335 8.28 49.22 4.47
CA PHE C 335 9.34 48.24 4.40
C PHE C 335 10.39 48.54 3.36
N ASP C 336 11.65 48.21 3.71
CA ASP C 336 12.80 48.41 2.80
C ASP C 336 12.95 47.30 1.72
N VAL C 337 12.50 46.10 2.05
CA VAL C 337 12.80 44.89 1.28
C VAL C 337 11.67 43.91 1.60
N PHE C 338 11.36 43.04 0.64
CA PHE C 338 10.35 42.03 0.81
C PHE C 338 11.02 40.69 0.48
N ASN C 339 11.02 39.78 1.45
CA ASN C 339 11.73 38.55 1.34
C ASN C 339 10.77 37.40 1.11
N ALA C 340 11.14 36.45 0.26
CA ALA C 340 10.32 35.26 0.05
C ALA C 340 11.13 33.97 -0.13
N LEU C 341 10.59 32.84 0.32
CA LEU C 341 11.25 31.55 0.06
C LEU C 341 10.66 30.89 -1.19
N GLU C 342 11.40 30.00 -1.88
CA GLU C 342 10.85 29.23 -3.05
C GLU C 342 9.91 28.14 -2.71
N VAL C 343 8.95 28.41 -1.82
CA VAL C 343 7.94 27.39 -1.42
C VAL C 343 6.60 27.77 -1.99
N MET C 344 5.65 26.85 -1.90
CA MET C 344 4.34 26.99 -2.55
C MET C 344 4.53 27.49 -4.03
N GLN C 345 3.90 28.59 -4.41
CA GLN C 345 3.90 29.06 -5.80
C GLN C 345 4.87 30.14 -6.03
N ASN C 346 5.63 30.48 -4.98
CA ASN C 346 6.51 31.64 -5.06
C ASN C 346 7.57 31.66 -6.17
N LYS C 347 8.15 30.51 -6.46
CA LYS C 347 9.24 30.53 -7.45
C LYS C 347 8.80 31.13 -8.79
N SER C 348 7.57 30.75 -9.21
CA SER C 348 6.96 31.17 -10.51
C SER C 348 6.96 32.68 -10.73
N VAL C 349 7.04 33.48 -9.67
CA VAL C 349 6.90 34.94 -9.86
C VAL C 349 8.19 35.75 -9.71
N PHE C 350 9.25 35.08 -9.24
CA PHE C 350 10.46 35.78 -8.87
C PHE C 350 11.08 36.55 -10.02
N GLU C 351 11.14 35.92 -11.21
CA GLU C 351 11.71 36.61 -12.36
C GLU C 351 10.88 37.85 -12.76
N ASP C 352 9.60 37.68 -13.08
CA ASP C 352 8.75 38.81 -13.44
C ASP C 352 8.69 39.92 -12.39
N LEU C 353 8.73 39.54 -11.13
CA LEU C 353 8.54 40.52 -10.07
C LEU C 353 9.84 41.10 -9.51
N LYS C 354 10.95 40.88 -10.23
CA LYS C 354 12.27 41.48 -9.95
C LYS C 354 12.90 41.04 -8.62
N PHE C 355 12.64 39.82 -8.15
CA PHE C 355 13.34 39.34 -6.95
C PHE C 355 14.74 38.86 -7.30
N GLY C 356 15.69 39.16 -6.43
CA GLY C 356 17.11 38.71 -6.56
C GLY C 356 17.32 37.43 -5.82
N GLU C 357 18.04 36.46 -6.41
CA GLU C 357 18.31 35.25 -5.66
C GLU C 357 19.22 35.61 -4.52
N GLY C 358 18.91 35.09 -3.34
CA GLY C 358 19.77 35.25 -2.18
C GLY C 358 21.08 34.43 -2.19
N ASP C 359 21.76 34.48 -1.05
CA ASP C 359 23.01 33.82 -0.72
C ASP C 359 22.97 32.34 -0.48
N GLY C 360 21.82 31.85 -0.08
CA GLY C 360 21.77 30.55 0.51
C GLY C 360 20.36 30.18 0.77
N SER C 361 20.20 29.20 1.63
CA SER C 361 18.93 28.62 1.80
C SER C 361 18.47 28.32 3.25
N LEU C 362 17.20 27.95 3.36
CA LEU C 362 16.59 27.52 4.62
C LEU C 362 16.25 26.05 4.42
N LYS C 363 16.80 25.19 5.30
CA LYS C 363 16.59 23.76 5.33
C LYS C 363 15.39 23.48 6.25
N TYR C 364 14.47 22.61 5.81
CA TYR C 364 13.34 22.17 6.65
C TYR C 364 13.69 20.78 7.21
N TYR C 365 13.44 20.60 8.52
CA TYR C 365 13.74 19.38 9.21
C TYR C 365 12.58 18.90 9.98
N LEU C 366 12.47 17.59 10.06
CA LEU C 366 11.64 16.95 11.09
C LEU C 366 12.49 16.17 12.05
N TYR C 367 11.98 16.03 13.25
CA TYR C 367 12.56 15.24 14.30
C TYR C 367 11.77 14.00 14.51
N ASN C 368 12.47 12.86 14.56
CA ASN C 368 11.84 11.57 14.76
C ASN C 368 10.77 11.28 13.70
N TRP C 369 11.10 11.59 12.46
CA TRP C 369 10.26 11.24 11.29
C TRP C 369 11.10 10.91 10.05
N LYS C 370 10.67 9.86 9.37
CA LYS C 370 11.37 9.31 8.20
C LYS C 370 10.43 9.39 6.99
N CYS C 371 10.83 10.04 5.90
CA CYS C 371 9.98 10.15 4.70
C CYS C 371 10.88 10.59 3.59
N ALA C 372 10.41 10.46 2.36
CA ALA C 372 11.10 11.02 1.17
C ALA C 372 11.23 12.54 1.26
N SER C 373 12.41 13.06 0.92
CA SER C 373 12.55 14.51 0.79
C SER C 373 11.90 14.95 -0.52
N PHE C 374 11.80 16.26 -0.69
CA PHE C 374 11.00 16.83 -1.75
C PHE C 374 11.42 18.23 -2.06
N ALA C 375 11.10 18.63 -3.30
CA ALA C 375 11.40 19.94 -3.88
C ALA C 375 10.56 21.01 -3.10
N PRO C 376 11.07 22.25 -2.88
CA PRO C 376 10.38 23.23 -1.97
C PRO C 376 9.02 23.75 -2.46
N ALA C 377 8.77 23.66 -3.77
CA ALA C 377 7.41 23.88 -4.34
C ALA C 377 6.35 23.05 -3.59
N HIS C 378 6.79 21.95 -2.96
CA HIS C 378 5.92 21.03 -2.27
C HIS C 378 5.82 21.34 -0.74
N VAL C 379 6.60 22.31 -0.25
CA VAL C 379 6.49 22.87 1.14
C VAL C 379 5.31 23.86 1.22
N GLY C 380 4.47 23.70 2.23
CA GLY C 380 3.33 24.56 2.40
C GLY C 380 3.31 25.20 3.78
N ILE C 381 4.47 25.40 4.36
CA ILE C 381 4.56 26.00 5.67
C ILE C 381 5.73 26.98 5.66
N VAL C 382 5.53 28.15 6.34
CA VAL C 382 6.56 29.08 6.51
C VAL C 382 6.65 29.34 8.00
N LEU C 383 7.87 29.17 8.56
CA LEU C 383 7.99 29.45 9.97
C LEU C 383 8.31 30.92 10.25
N LEU C 384 8.49 31.19 11.53
CA LEU C 384 8.75 32.56 12.00
C LEU C 384 10.30 32.86 12.18
S DMS D . 18.13 -12.58 -10.86
O DMS D . 17.32 -13.22 -9.76
C1 DMS D . 17.94 -13.33 -12.42
C2 DMS D . 17.64 -10.94 -10.93
S1 NHW E . 15.35 -27.05 -12.74
C2 NHW E . 16.12 -27.94 -14.16
C3 NHW E . 16.91 -29.22 -13.86
N4 NHW E . 17.48 -29.66 -15.16
C5 NHW E . 16.77 -30.49 -15.87
O5 NHW E . 15.63 -30.87 -15.54
C6 NHW E . 17.34 -30.91 -17.18
C7 NHW E . 16.90 -32.34 -17.53
N8 NHW E . 17.33 -33.34 -16.53
C9 NHW E . 18.59 -33.53 -16.11
O9 NHW E . 19.55 -33.07 -16.69
CP NHW E . 16.35 -25.52 -12.91
C10 NHW E . 18.74 -34.57 -15.05
O10 NHW E . 17.47 -35.19 -14.90
C11 NHW E . 19.09 -33.92 -13.71
C12 NHW E . 18.98 -34.93 -12.63
C13 NHW E . 18.09 -32.87 -13.31
C14 NHW E . 20.44 -33.27 -13.71
N1A NHW E . 16.74 -30.18 -8.70
O1A NHW E . 20.35 -39.95 -10.34
P1A NHW E . 20.42 -38.51 -10.47
C1M NHW E . 17.68 -25.82 -12.10
O1M NHW E . 18.71 -26.15 -12.71
C1X NHW E . 17.39 -35.00 -7.38
C2A NHW E . 17.24 -30.72 -7.58
O2A NHW E . 21.63 -37.90 -10.98
P2A NHW E . 19.37 -37.60 -12.88
C2M NHW E . 17.69 -25.70 -10.59
C2X NHW E . 16.45 -36.16 -7.24
O2X NHW E . 15.29 -35.72 -6.61
N3A NHW E . 17.31 -32.02 -7.43
O3A NHW E . 19.25 -37.95 -11.33
C3M NHW E . 18.76 -26.68 -9.89
C3X NHW E . 17.31 -37.20 -6.50
O3X NHW E . 17.40 -37.01 -5.07
P3X NHW E . 16.56 -37.94 -4.11
C4A NHW E . 16.92 -32.87 -8.44
O4A NHW E . 20.37 -38.30 -13.72
C4M NHW E . 18.69 -26.72 -8.42
C4X NHW E . 18.67 -37.00 -7.21
O4X NHW E . 18.61 -35.65 -7.81
C5A NHW E . 16.43 -32.37 -9.63
O5A NHW E . 17.89 -37.56 -13.29
C5M NHW E . 19.53 -27.92 -7.85
C5X NHW E . 18.70 -37.92 -8.46
O5X NHW E . 19.97 -37.80 -9.11
C6A NHW E . 16.36 -30.96 -9.76
N6A NHW E . 15.84 -30.35 -10.87
O6A NHW E . 19.88 -36.08 -12.90
C6M NHW E . 19.45 -27.82 -6.34
N7A NHW E . 16.15 -33.47 -10.41
O7A NHW E . 16.73 -37.18 -2.75
C7M NHW E . 20.27 -26.63 -5.78
C8A NHW E . 16.43 -34.59 -9.69
O8A NHW E . 15.05 -37.64 -4.67
C8M NHW E . 20.24 -26.59 -4.26
N9A NHW E . 16.88 -34.18 -8.50
O9A NHW E . 16.92 -39.31 -4.18
C9M NHW E . 21.06 -25.43 -3.62
CAM NHW E . 22.55 -25.62 -3.82
CBM NHW E . 23.59 -24.70 -3.10
CCM NHW E . 23.16 -24.16 -1.72
CDM NHW E . 24.13 -23.00 -1.31
CEM NHW E . 23.91 -22.58 0.16
C YBN F . 9.90 -26.92 -22.98
N YBN F . 13.69 -21.75 -15.34
O YBN F . 8.95 -27.14 -21.93
S YBN F . 7.04 -20.91 -17.60
C1 YBN F . 7.97 -26.21 -21.59
O1 YBN F . 8.14 -23.83 -17.78
C2 YBN F . 6.82 -26.08 -22.37
O2 YBN F . 9.28 -23.41 -15.78
C3 YBN F . 5.82 -25.14 -22.04
O3 YBN F . 10.31 -20.71 -15.61
C4 YBN F . 6.01 -24.34 -20.91
C5 YBN F . 7.13 -24.44 -20.06
C6 YBN F . 7.21 -23.51 -18.84
C7 YBN F . 8.63 -22.97 -16.70
C8 YBN F . 8.41 -21.51 -16.76
C9 YBN F . 7.42 -19.27 -17.29
C10 YBN F . 6.72 -18.12 -17.73
C11 YBN F . 7.23 -16.82 -17.44
C12 YBN F . 8.39 -16.71 -16.70
C13 YBN F . 9.12 -17.83 -16.28
C14 YBN F . 8.64 -19.13 -16.57
C15 YBN F . 9.16 -20.43 -16.28
C16 YBN F . 11.51 -20.11 -16.13
C17 YBN F . 12.43 -19.70 -14.97
C18 YBN F . 12.89 -21.00 -14.34
C19 YBN F . 13.14 -22.05 -16.64
C20 YBN F . 12.19 -21.01 -17.18
C21 YBN F . 8.11 -25.40 -20.43
S SO4 G . -7.94 -21.43 -10.42
O1 SO4 G . -7.27 -22.47 -11.21
O2 SO4 G . -8.63 -22.09 -9.31
O3 SO4 G . -8.74 -20.67 -11.43
O4 SO4 G . -7.08 -20.42 -9.75
CL CL H . 28.78 -36.65 1.01
MG MG I . 22.98 -39.21 -12.96
S DMS J . -20.85 -5.85 8.70
O DMS J . -19.92 -5.43 7.62
C1 DMS J . -19.76 -6.21 9.99
C2 DMS J . -21.65 -7.35 8.41
S1 NHW K . -28.15 -10.17 -3.54
C2 NHW K . -29.75 -11.08 -3.38
C3 NHW K . -30.96 -10.31 -3.93
N4 NHW K . -32.17 -11.07 -3.76
C5 NHW K . -32.43 -12.17 -4.43
O5 NHW K . -31.68 -12.67 -5.27
C6 NHW K . -33.75 -12.86 -3.98
C7 NHW K . -34.50 -13.58 -5.09
N8 NHW K . -34.80 -12.61 -6.16
C9 NHW K . -35.63 -11.57 -5.94
O9 NHW K . -36.18 -11.32 -4.85
CP NHW K . -27.97 -9.38 -1.83
C10 NHW K . -35.80 -10.63 -7.19
O10 NHW K . -35.36 -11.31 -8.43
C11 NHW K . -35.03 -9.33 -7.04
C12 NHW K . -35.03 -8.64 -8.37
C13 NHW K . -33.51 -9.64 -6.70
C14 NHW K . -35.76 -8.37 -6.02
N1A NHW K . -29.15 -6.29 -7.02
O1A NHW K . -37.91 -6.34 -12.71
P1A NHW K . -37.30 -6.28 -11.36
C1M NHW K . -28.74 -8.02 -1.77
O1M NHW K . -29.84 -8.01 -1.23
C1X NHW K . -31.93 -5.46 -11.26
C2A NHW K . -29.33 -5.19 -7.74
O2A NHW K . -38.11 -5.78 -10.15
P2A NHW K . -36.88 -8.88 -10.22
C2M NHW K . -28.18 -6.82 -2.59
C2X NHW K . -31.89 -5.95 -12.70
O2X NHW K . -30.50 -5.82 -13.09
N3A NHW K . -30.07 -5.18 -8.81
O3A NHW K . -36.61 -7.73 -11.14
C3M NHW K . -29.21 -5.79 -2.99
C3X NHW K . -32.72 -4.86 -13.32
O3X NHW K . -32.01 -3.59 -13.51
P3X NHW K . -31.53 -3.37 -15.11
C4A NHW K . -30.70 -6.28 -9.21
O4A NHW K . -38.33 -9.10 -10.14
C4M NHW K . -28.47 -4.69 -3.77
C4X NHW K . -33.83 -4.57 -12.31
O4X NHW K . -33.28 -5.01 -11.02
C5A NHW K . -30.52 -7.48 -8.48
O5A NHW K . -35.99 -9.89 -10.75
C5M NHW K . -29.42 -3.63 -4.26
C5X NHW K . -35.14 -5.43 -12.67
O5X NHW K . -36.02 -5.41 -11.55
C6A NHW K . -29.71 -7.45 -7.34
N6A NHW K . -29.44 -8.53 -6.57
O6A NHW K . -36.42 -8.31 -8.86
C6M NHW K . -28.69 -2.46 -5.00
N7A NHW K . -31.27 -8.39 -9.11
O7A NHW K . -30.70 -2.16 -15.09
C7M NHW K . -28.20 -1.50 -3.91
C8A NHW K . -31.84 -7.82 -10.18
O8A NHW K . -30.54 -4.65 -15.30
C8M NHW K . -27.60 -0.21 -4.48
N9A NHW K . -31.45 -6.54 -10.26
O9A NHW K . -32.69 -3.33 -16.06
C9M NHW K . -27.19 0.79 -3.36
CAM NHW K . -28.38 1.50 -2.76
CBM NHW K . -28.06 2.53 -1.67
CCM NHW K . -27.19 3.70 -2.23
CDM NHW K . -26.97 4.68 -1.04
CEM NHW K . -26.09 5.86 -1.49
C YBN L . -26.60 -13.23 -2.93
N YBN L . -25.17 -13.06 1.07
O YBN L . -25.58 -14.18 -3.26
S YBN L . -21.15 -18.36 -0.20
C1 YBN L . -25.71 -15.42 -3.89
O1 YBN L . -23.47 -18.36 -1.89
C2 YBN L . -26.38 -15.70 -5.11
O2 YBN L . -23.19 -15.96 -2.12
C3 YBN L . -26.38 -17.02 -5.63
O3 YBN L . -22.25 -14.86 0.71
C4 YBN L . -25.74 -18.08 -4.96
C5 YBN L . -25.07 -17.83 -3.75
C6 YBN L . -24.36 -18.89 -2.93
C7 YBN L . -22.96 -16.99 -1.55
C8 YBN L . -22.05 -16.95 -0.40
C9 YBN L . -20.30 -17.83 1.15
C10 YBN L . -19.32 -18.52 1.87
C11 YBN L . -18.78 -17.83 2.98
C12 YBN L . -19.14 -16.55 3.36
C13 YBN L . -20.12 -15.86 2.64
C14 YBN L . -20.67 -16.51 1.51
C15 YBN L . -21.65 -16.05 0.58
C16 YBN L . -22.91 -14.56 1.97
C17 YBN L . -24.32 -15.15 2.03
C18 YBN L . -25.25 -14.50 0.99
C19 YBN L . -23.83 -12.47 0.99
C20 YBN L . -22.94 -13.05 2.10
C21 YBN L . -25.08 -16.51 -3.27
CL CL M . -37.03 8.12 -10.79
MG MG N . -40.71 -6.93 -9.97
S DMS O . 2.92 28.35 12.82
O DMS O . 3.50 27.27 11.93
C1 DMS O . 4.00 29.71 13.04
C2 DMS O . 1.55 28.97 11.96
S1 NHW P . 17.89 28.09 13.28
C2 NHW P . 18.62 29.34 14.44
C3 NHW P . 19.60 28.82 15.53
N4 NHW P . 20.18 30.02 16.18
C5 NHW P . 21.22 30.70 15.75
O5 NHW P . 21.86 30.49 14.68
C6 NHW P . 21.62 31.91 16.63
C7 NHW P . 23.10 32.10 16.59
N8 NHW P . 23.83 30.86 16.95
C9 NHW P . 23.75 30.27 18.15
O9 NHW P . 23.13 30.73 19.13
CP NHW P . 16.14 28.13 13.95
C10 NHW P . 24.58 28.96 18.32
O10 NHW P . 25.52 28.84 17.27
C11 NHW P . 23.67 27.73 18.35
C12 NHW P . 24.58 26.49 18.38
C13 NHW P . 22.70 27.66 17.18
C14 NHW P . 22.94 27.81 19.63
N1A NHW P . 19.94 23.58 14.86
O1A NHW P . 28.79 23.53 20.74
P1A NHW P . 27.38 23.77 20.47
C1M NHW P . 15.94 27.31 15.27
O1M NHW P . 15.97 27.91 16.33
C1X NHW P . 24.35 21.58 16.60
C2A NHW P . 20.11 22.37 15.37
O2A NHW P . 26.55 24.08 21.64
P2A NHW P . 27.02 26.50 19.38
C2M NHW P . 15.68 25.85 15.23
C2X NHW P . 25.66 21.25 15.91
O2X NHW P . 25.39 20.62 14.70
N3A NHW P . 21.34 22.05 15.73
O3A NHW P . 27.29 24.92 19.28
C3M NHW P . 16.56 25.14 16.31
C3X NHW P . 26.36 20.38 16.93
O3X NHW P . 25.85 19.05 16.91
P3X NHW P . 26.72 17.87 16.03
C4A NHW P . 22.40 22.90 15.68
O4A NHW P . 27.60 27.23 20.53
C4M NHW P . 16.27 23.61 16.21
C4X NHW P . 25.97 21.04 18.23
O4X NHW P . 24.76 21.88 17.94
C5A NHW P . 22.23 24.17 15.17
O5A NHW P . 27.36 26.93 17.98
C5M NHW P . 17.02 22.87 17.32
C5X NHW P . 27.06 21.94 18.68
O5X NHW P . 26.62 22.57 19.80
C6A NHW P . 20.92 24.50 14.75
N6A NHW P . 20.66 25.69 14.27
O6A NHW P . 25.36 26.55 19.54
C6M NHW P . 16.83 21.38 17.09
N7A NHW P . 23.39 24.81 15.23
O7A NHW P . 25.83 16.64 16.02
C7M NHW P . 15.38 21.00 17.38
C8A NHW P . 24.33 23.98 15.70
O8A NHW P . 26.91 18.61 14.73
C8M NHW P . 15.19 19.44 17.28
N9A NHW P . 23.74 22.78 15.97
O9A NHW P . 28.06 17.88 16.76
C9M NHW P . 13.75 19.04 17.74
CAM NHW P . 13.70 19.10 19.35
CBM NHW P . 12.39 18.59 20.01
CCM NHW P . 11.98 17.14 19.65
CDM NHW P . 10.54 16.85 20.24
CEM NHW P . 10.00 15.51 19.73
C YBN Q . 20.12 38.06 9.08
N YBN Q . 13.60 32.38 10.82
O YBN Q . 20.83 37.77 7.86
S YBN Q . 14.37 34.07 4.45
C1 YBN Q . 20.24 37.24 6.73
O1 YBN Q . 16.81 34.14 6.42
C2 YBN Q . 20.36 37.89 5.47
O2 YBN Q . 16.20 31.90 6.84
C3 YBN Q . 19.74 37.35 4.33
O3 YBN Q . 13.14 32.08 7.50
C4 YBN Q . 19.02 36.15 4.41
C5 YBN Q . 18.86 35.49 5.64
C6 YBN Q . 18.08 34.17 5.72
C7 YBN Q . 15.90 32.96 6.37
C8 YBN Q . 14.54 33.18 5.86
C9 YBN Q . 12.67 34.02 4.46
C10 YBN Q . 11.81 34.61 3.55
C11 YBN Q . 10.43 34.49 3.71
C12 YBN Q . 9.87 33.73 4.74
C13 YBN Q . 10.73 33.17 5.70
C14 YBN Q . 12.15 33.31 5.53
C15 YBN Q . 13.25 32.85 6.34
C16 YBN Q . 12.14 32.22 8.49
C17 YBN Q . 12.16 30.95 9.39
C18 YBN Q . 13.37 31.04 10.30
C19 YBN Q . 13.71 33.56 9.93
C20 YBN Q . 12.45 33.60 9.09
C21 YBN Q . 19.50 36.03 6.79
CL CL R . -5.04 51.40 -4.93
MG MG S . 28.07 26.13 23.35
#